data_8JC1
#
_entry.id   8JC1
#
_cell.length_a   66.279
_cell.length_b   138.553
_cell.length_c   68.947
_cell.angle_alpha   90.000
_cell.angle_beta   94.183
_cell.angle_gamma   90.000
#
_symmetry.space_group_name_H-M   'P 1 21 1'
#
loop_
_entity.id
_entity.type
_entity.pdbx_description
1 polymer 'pectocin M1'
2 non-polymer 'FE2/S2 (INORGANIC) CLUSTER'
3 non-polymer 'SODIUM ION'
4 non-polymer 'MAGNESIUM ION'
5 non-polymer 'SULFITE ION'
6 non-polymer GLYCEROL
7 non-polymer 'SULFATE ION'
8 non-polymer 'CHLORIDE ION'
9 water water
#
_entity_poly.entity_id   1
_entity_poly.type   'polypeptide(L)'
_entity_poly.pdbx_seq_one_letter_code
;MATYKIKDLTGNVEFECSDDTYILDAAEEAGLDLPYSCRAGSCSSCVALLISGSVDQRDASFLDEEQQKYFVLTCAAYPN
SNCVIKTGVEEMLLGYDSYRDMSEYLFGLLGGNDSPELLDGLFTPVDAFRHYLFGNGTNKSININDVGLSIDVSQIPPIM
NIINQGFIGRFDISSDFNRNTVLDGIIPASYLGNITLKTEGVLSISPDGAWSYNGGIRAYNDLYDANPSTHRDRLGEWST
GVLDKFNGTPYEIQIPGTLDISGRGQRL
;
_entity_poly.pdbx_strand_id   A,B,C,D
#
# COMPACT_ATOMS: atom_id res chain seq x y z
N ALA A 2 1.08 -7.76 -7.17
CA ALA A 2 0.09 -8.51 -6.37
C ALA A 2 -1.33 -7.97 -6.56
N THR A 3 -1.63 -6.83 -5.95
CA THR A 3 -2.93 -6.15 -6.10
C THR A 3 -2.68 -4.69 -6.39
N TYR A 4 -3.39 -4.15 -7.38
CA TYR A 4 -3.19 -2.78 -7.84
C TYR A 4 -4.43 -1.93 -7.59
N LYS A 5 -4.20 -0.62 -7.44
CA LYS A 5 -5.29 0.35 -7.36
C LYS A 5 -5.73 0.72 -8.75
N ILE A 6 -6.99 0.51 -9.05
CA ILE A 6 -7.60 1.01 -10.27
C ILE A 6 -8.43 2.24 -9.90
N LYS A 7 -8.21 3.32 -10.62
CA LYS A 7 -8.93 4.56 -10.35
C LYS A 7 -9.70 4.92 -11.60
N ASP A 8 -11.01 5.09 -11.45
CA ASP A 8 -11.90 5.38 -12.56
C ASP A 8 -12.36 6.83 -12.41
N LEU A 9 -12.14 7.63 -13.46
CA LEU A 9 -12.47 9.05 -13.41
C LEU A 9 -13.97 9.29 -13.52
N THR A 10 -14.73 8.30 -13.98
CA THR A 10 -16.17 8.47 -14.16
C THR A 10 -16.89 8.70 -12.83
N GLY A 11 -16.34 8.18 -11.72
CA GLY A 11 -16.95 8.44 -10.43
C GLY A 11 -15.98 8.94 -9.37
N ASN A 12 -14.75 9.24 -9.77
CA ASN A 12 -13.62 9.46 -8.85
C ASN A 12 -13.46 8.28 -7.89
N VAL A 13 -13.90 7.08 -8.33
CA VAL A 13 -13.87 5.86 -7.52
C VAL A 13 -12.51 5.17 -7.69
N GLU A 14 -12.10 4.49 -6.63
CA GLU A 14 -10.80 3.82 -6.59
C GLU A 14 -11.01 2.46 -5.94
N PHE A 15 -10.70 1.39 -6.67
CA PHE A 15 -10.97 0.04 -6.20
C PHE A 15 -9.81 -0.88 -6.56
N GLU A 16 -9.57 -1.86 -5.69
CA GLU A 16 -8.47 -2.79 -5.87
C GLU A 16 -8.75 -3.76 -7.01
N CYS A 17 -7.67 -4.23 -7.66
CA CYS A 17 -7.77 -5.28 -8.65
C CYS A 17 -6.50 -6.13 -8.61
N SER A 18 -6.68 -7.44 -8.51
CA SER A 18 -5.57 -8.36 -8.35
C SER A 18 -4.92 -8.65 -9.71
N ASP A 19 -3.65 -9.05 -9.65
CA ASP A 19 -2.90 -9.31 -10.88
C ASP A 19 -3.52 -10.42 -11.72
N ASP A 20 -4.32 -11.29 -11.11
CA ASP A 20 -4.93 -12.39 -11.84
C ASP A 20 -6.40 -12.17 -12.17
N THR A 21 -6.92 -10.96 -11.95
CA THR A 21 -8.34 -10.66 -12.07
C THR A 21 -8.58 -9.60 -13.14
N TYR A 22 -9.60 -9.83 -13.97
CA TYR A 22 -10.02 -8.83 -14.94
C TYR A 22 -10.54 -7.58 -14.24
N ILE A 23 -10.35 -6.43 -14.88
CA ILE A 23 -10.69 -5.17 -14.23
C ILE A 23 -12.19 -5.06 -13.97
N LEU A 24 -13.02 -5.54 -14.91
CA LEU A 24 -14.46 -5.45 -14.75
C LEU A 24 -14.94 -6.27 -13.56
N ASP A 25 -14.46 -7.52 -13.45
CA ASP A 25 -14.84 -8.36 -12.32
C ASP A 25 -14.47 -7.69 -11.01
N ALA A 26 -13.25 -7.15 -10.92
CA ALA A 26 -12.82 -6.53 -9.68
C ALA A 26 -13.64 -5.29 -9.36
N ALA A 27 -14.16 -4.62 -10.39
CA ALA A 27 -15.04 -3.48 -10.16
C ALA A 27 -16.41 -3.93 -9.69
N GLU A 28 -16.95 -4.98 -10.31
CA GLU A 28 -18.23 -5.53 -9.85
C GLU A 28 -18.16 -5.94 -8.38
N GLU A 29 -17.06 -6.57 -7.96
CA GLU A 29 -16.92 -6.99 -6.56
C GLU A 29 -16.83 -5.81 -5.61
N ALA A 30 -16.34 -4.67 -6.07
CA ALA A 30 -16.18 -3.51 -5.19
C ALA A 30 -17.51 -2.87 -4.82
N GLY A 31 -18.54 -3.07 -5.64
CA GLY A 31 -19.81 -2.36 -5.49
C GLY A 31 -20.12 -1.43 -6.64
N LEU A 32 -19.32 -1.46 -7.71
CA LEU A 32 -19.45 -0.57 -8.84
C LEU A 32 -20.27 -1.23 -9.95
N ASP A 33 -20.86 -0.40 -10.80
CA ASP A 33 -21.64 -0.84 -11.95
C ASP A 33 -21.00 -0.25 -13.20
N LEU A 34 -20.49 -1.10 -14.07
CA LEU A 34 -19.80 -0.71 -15.29
C LEU A 34 -20.46 -1.35 -16.50
N PRO A 35 -20.26 -0.81 -17.69
CA PRO A 35 -20.90 -1.38 -18.88
C PRO A 35 -20.27 -2.69 -19.34
N TYR A 36 -21.12 -3.62 -19.78
CA TYR A 36 -20.67 -4.89 -20.33
C TYR A 36 -21.76 -5.46 -21.23
N SER A 37 -21.42 -5.75 -22.49
CA SER A 37 -22.33 -6.44 -23.40
C SER A 37 -21.98 -7.92 -23.56
N CYS A 38 -20.75 -8.22 -23.98
CA CYS A 38 -20.27 -9.60 -24.02
C CYS A 38 -19.38 -9.89 -22.82
N ARG A 39 -18.32 -10.67 -23.04
CA ARG A 39 -17.24 -10.86 -22.07
C ARG A 39 -16.08 -11.64 -22.69
N ALA A 40 -16.06 -11.75 -24.01
CA ALA A 40 -15.00 -12.45 -24.72
C ALA A 40 -14.12 -11.49 -25.53
N GLY A 41 -14.02 -10.23 -25.08
CA GLY A 41 -13.29 -9.23 -25.84
C GLY A 41 -13.95 -8.84 -27.14
N SER A 42 -15.25 -9.12 -27.28
CA SER A 42 -15.89 -9.09 -28.60
C SER A 42 -16.43 -7.70 -28.93
N CYS A 43 -17.21 -7.12 -28.03
CA CYS A 43 -17.86 -5.85 -28.29
C CYS A 43 -16.95 -4.71 -27.85
N SER A 44 -17.54 -3.54 -27.59
CA SER A 44 -16.84 -2.39 -27.03
C SER A 44 -17.53 -1.82 -25.80
N SER A 45 -18.63 -2.42 -25.33
CA SER A 45 -19.37 -1.85 -24.23
C SER A 45 -18.51 -1.70 -22.98
N CYS A 46 -17.57 -2.62 -22.78
CA CYS A 46 -16.68 -2.53 -21.64
C CYS A 46 -15.60 -1.47 -21.82
N VAL A 47 -15.34 -1.06 -23.07
CA VAL A 47 -14.12 -0.31 -23.38
C VAL A 47 -14.02 0.89 -22.47
N ALA A 48 -12.79 1.14 -22.00
CA ALA A 48 -12.48 2.29 -21.17
C ALA A 48 -11.24 2.96 -21.72
N LEU A 49 -11.07 4.23 -21.35
CA LEU A 49 -9.91 5.02 -21.74
C LEU A 49 -8.78 4.70 -20.77
N LEU A 50 -7.67 4.17 -21.30
CA LEU A 50 -6.48 3.88 -20.49
C LEU A 50 -5.70 5.19 -20.32
N ILE A 51 -5.95 5.88 -19.21
CA ILE A 51 -5.30 7.17 -19.01
C ILE A 51 -3.86 6.97 -18.58
N SER A 52 -3.62 6.01 -17.69
CA SER A 52 -2.34 5.85 -17.04
C SER A 52 -2.20 4.40 -16.57
N GLY A 53 -0.99 3.85 -16.75
CA GLY A 53 -0.70 2.48 -16.38
C GLY A 53 -0.70 1.53 -17.57
N SER A 54 -0.50 0.26 -17.26
CA SER A 54 -0.34 -0.79 -18.26
C SER A 54 -1.27 -1.96 -17.95
N VAL A 55 -1.78 -2.58 -19.00
CA VAL A 55 -2.68 -3.73 -18.89
C VAL A 55 -2.16 -4.84 -19.79
N ASP A 56 -2.59 -6.05 -19.47
CA ASP A 56 -2.42 -7.22 -20.32
C ASP A 56 -3.77 -7.47 -20.98
N GLN A 57 -3.82 -7.28 -22.30
CA GLN A 57 -5.06 -7.37 -23.05
C GLN A 57 -5.07 -8.54 -24.04
N ARG A 58 -4.18 -9.52 -23.85
CA ARG A 58 -3.98 -10.54 -24.88
C ARG A 58 -5.26 -11.31 -25.18
N ASP A 59 -6.07 -11.58 -24.15
CA ASP A 59 -7.32 -12.30 -24.35
C ASP A 59 -8.29 -11.51 -25.23
N ALA A 60 -8.23 -10.18 -25.17
CA ALA A 60 -9.13 -9.33 -25.92
C ALA A 60 -8.76 -9.33 -27.41
N SER A 61 -9.79 -9.24 -28.25
CA SER A 61 -9.69 -9.47 -29.70
C SER A 61 -10.11 -8.29 -30.55
N PHE A 62 -11.03 -7.45 -30.05
CA PHE A 62 -11.62 -6.39 -30.86
C PHE A 62 -10.58 -5.32 -31.24
N LEU A 63 -9.87 -4.78 -30.24
CA LEU A 63 -9.05 -3.59 -30.44
C LEU A 63 -7.81 -3.90 -31.27
N ASP A 64 -7.54 -3.03 -32.24
CA ASP A 64 -6.31 -3.11 -33.03
C ASP A 64 -5.11 -2.81 -32.13
N GLU A 65 -3.93 -3.20 -32.62
CA GLU A 65 -2.69 -2.95 -31.86
C GLU A 65 -2.52 -1.47 -31.55
N GLU A 66 -2.98 -0.59 -32.46
CA GLU A 66 -2.85 0.84 -32.26
C GLU A 66 -3.85 1.36 -31.22
N GLN A 67 -5.09 0.88 -31.26
CA GLN A 67 -6.08 1.34 -30.27
C GLN A 67 -5.77 0.81 -28.88
N GLN A 68 -4.98 -0.25 -28.77
CA GLN A 68 -4.61 -0.78 -27.48
C GLN A 68 -3.70 0.19 -26.72
N LYS A 69 -3.10 1.16 -27.41
CA LYS A 69 -2.28 2.15 -26.73
C LYS A 69 -3.11 3.04 -25.81
N TYR A 70 -4.37 3.28 -26.17
CA TYR A 70 -5.21 4.24 -25.47
C TYR A 70 -6.50 3.66 -24.91
N PHE A 71 -6.89 2.46 -25.33
CA PHE A 71 -8.17 1.88 -24.96
C PHE A 71 -7.98 0.48 -24.39
N VAL A 72 -8.82 0.14 -23.42
CA VAL A 72 -8.72 -1.12 -22.70
C VAL A 72 -10.10 -1.78 -22.65
N LEU A 73 -10.15 -3.05 -23.02
CA LEU A 73 -11.35 -3.87 -22.85
C LEU A 73 -11.36 -4.42 -21.42
N THR A 74 -12.18 -3.83 -20.55
CA THR A 74 -12.03 -4.05 -19.11
C THR A 74 -12.54 -5.42 -18.64
N CYS A 75 -13.35 -6.10 -19.45
CA CYS A 75 -13.77 -7.46 -19.11
C CYS A 75 -12.74 -8.50 -19.49
N ALA A 76 -11.69 -8.10 -20.22
CA ALA A 76 -10.71 -9.03 -20.76
C ALA A 76 -9.27 -8.57 -20.55
N ALA A 77 -9.02 -7.69 -19.58
CA ALA A 77 -7.70 -7.09 -19.42
C ALA A 77 -7.21 -7.22 -18.00
N TYR A 78 -5.97 -7.66 -17.84
CA TYR A 78 -5.42 -7.67 -16.49
C TYR A 78 -4.56 -6.44 -16.28
N PRO A 79 -4.59 -5.84 -15.09
CA PRO A 79 -3.68 -4.73 -14.78
C PRO A 79 -2.25 -5.23 -14.57
N ASN A 80 -1.30 -4.55 -15.20
CA ASN A 80 0.11 -4.75 -14.89
C ASN A 80 0.62 -3.77 -13.83
N SER A 81 -0.21 -2.82 -13.42
CA SER A 81 0.27 -1.72 -12.60
C SER A 81 -0.96 -1.02 -12.05
N ASN A 82 -0.73 -0.05 -11.17
CA ASN A 82 -1.82 0.85 -10.83
C ASN A 82 -2.28 1.52 -12.11
N CYS A 83 -3.58 1.70 -12.25
CA CYS A 83 -4.14 2.24 -13.48
C CYS A 83 -5.09 3.37 -13.17
N VAL A 84 -5.12 4.34 -14.08
CA VAL A 84 -6.16 5.37 -14.15
C VAL A 84 -6.91 5.13 -15.44
N ILE A 85 -8.21 4.89 -15.35
CA ILE A 85 -9.06 4.69 -16.50
C ILE A 85 -10.25 5.63 -16.42
N LYS A 86 -11.09 5.58 -17.44
CA LYS A 86 -12.38 6.26 -17.46
C LYS A 86 -13.37 5.35 -18.16
N THR A 87 -14.28 4.76 -17.39
CA THR A 87 -15.34 3.92 -17.91
C THR A 87 -16.53 4.77 -18.34
N GLY A 88 -17.45 4.14 -19.07
CA GLY A 88 -18.49 4.91 -19.69
C GLY A 88 -18.04 5.59 -20.96
N VAL A 89 -17.09 4.98 -21.65
CA VAL A 89 -16.60 5.46 -22.95
C VAL A 89 -16.95 4.39 -23.98
N GLU A 90 -17.30 4.81 -25.18
CA GLU A 90 -17.54 3.87 -26.26
C GLU A 90 -17.62 4.63 -27.58
N GLU A 91 -18.14 5.86 -27.52
CA GLU A 91 -18.24 6.69 -28.72
C GLU A 91 -16.87 7.00 -29.29
N MET A 92 -15.88 7.26 -28.42
CA MET A 92 -14.57 7.69 -28.86
C MET A 92 -13.94 6.73 -29.86
N LEU A 93 -14.38 5.47 -29.89
CA LEU A 93 -13.87 4.55 -30.89
C LEU A 93 -14.22 5.00 -32.31
N LEU A 94 -15.21 5.89 -32.46
CA LEU A 94 -15.52 6.46 -33.77
C LEU A 94 -14.33 7.17 -34.39
N GLY A 95 -13.47 7.75 -33.56
CA GLY A 95 -12.34 8.51 -34.04
C GLY A 95 -12.61 10.00 -34.21
N TYR A 96 -13.60 10.53 -33.49
CA TYR A 96 -13.97 11.93 -33.63
C TYR A 96 -13.54 12.77 -32.42
N ASP A 97 -12.75 12.20 -31.52
CA ASP A 97 -12.23 12.93 -30.36
C ASP A 97 -10.71 12.85 -30.35
N SER A 98 -10.05 14.00 -30.49
CA SER A 98 -8.59 14.06 -30.48
C SER A 98 -8.08 14.25 -29.06
N TYR A 99 -6.76 14.15 -28.91
CA TYR A 99 -6.17 14.48 -27.63
C TYR A 99 -6.57 15.88 -27.19
N ARG A 100 -6.61 16.83 -28.14
CA ARG A 100 -7.00 18.20 -27.85
C ARG A 100 -8.31 18.27 -27.08
N ASP A 101 -9.26 17.38 -27.40
CA ASP A 101 -10.58 17.44 -26.77
C ASP A 101 -10.57 16.99 -25.31
N MET A 102 -9.63 16.15 -24.92
CA MET A 102 -9.57 15.72 -23.54
C MET A 102 -8.52 16.43 -22.71
N SER A 103 -7.66 17.26 -23.34
CA SER A 103 -6.47 17.74 -22.64
C SER A 103 -6.83 18.64 -21.47
N GLU A 104 -7.80 19.54 -21.64
CA GLU A 104 -8.16 20.43 -20.53
C GLU A 104 -8.68 19.66 -19.33
N TYR A 105 -9.53 18.67 -19.58
CA TYR A 105 -10.05 17.83 -18.51
C TYR A 105 -8.91 17.18 -17.72
N LEU A 106 -8.00 16.49 -18.42
CA LEU A 106 -6.93 15.76 -17.75
C LEU A 106 -5.99 16.70 -17.00
N PHE A 107 -5.70 17.85 -17.60
CA PHE A 107 -4.87 18.84 -16.94
C PHE A 107 -5.45 19.20 -15.57
N GLY A 108 -6.76 19.39 -15.49
CA GLY A 108 -7.37 19.91 -14.26
C GLY A 108 -7.35 18.98 -13.07
N LEU A 109 -7.13 17.68 -13.27
CA LEU A 109 -7.08 16.73 -12.16
C LEU A 109 -5.71 16.04 -12.03
N LEU A 110 -4.64 16.69 -12.49
CA LEU A 110 -3.31 16.10 -12.50
C LEU A 110 -2.83 15.71 -11.11
N GLY A 111 -3.24 16.46 -10.09
CA GLY A 111 -2.80 16.19 -8.74
C GLY A 111 -3.55 15.07 -8.05
N GLY A 112 -4.55 14.51 -8.74
CA GLY A 112 -5.49 13.55 -8.17
C GLY A 112 -4.92 12.18 -7.85
N ASN A 113 -3.67 11.91 -8.17
CA ASN A 113 -3.04 10.64 -7.81
C ASN A 113 -1.76 10.83 -7.01
N ASP A 114 -1.47 12.06 -6.56
CA ASP A 114 -0.38 12.26 -5.61
C ASP A 114 -0.63 11.46 -4.34
N SER A 115 0.45 11.09 -3.67
CA SER A 115 0.30 10.51 -2.33
C SER A 115 -0.39 11.52 -1.41
N PRO A 116 -1.13 11.04 -0.39
CA PRO A 116 -1.97 11.96 0.39
C PRO A 116 -1.23 12.82 1.42
N GLU A 117 -0.04 12.42 1.89
CA GLU A 117 0.65 13.18 2.94
C GLU A 117 1.07 14.55 2.44
N LEU A 118 0.65 15.59 3.17
CA LEU A 118 1.12 16.92 2.85
C LEU A 118 2.62 17.04 3.10
N LEU A 119 3.25 17.92 2.33
CA LEU A 119 4.64 18.29 2.60
C LEU A 119 4.75 19.01 3.94
N ASP A 120 5.96 19.01 4.48
CA ASP A 120 6.25 19.57 5.81
C ASP A 120 6.79 21.00 5.71
N GLY A 121 6.81 21.68 6.86
CA GLY A 121 7.54 22.94 6.96
C GLY A 121 6.91 24.06 6.15
N LEU A 122 7.76 24.90 5.56
CA LEU A 122 7.27 26.03 4.77
C LEU A 122 6.44 25.59 3.56
N PHE A 123 6.57 24.32 3.13
CA PHE A 123 5.84 23.84 1.97
C PHE A 123 4.38 23.52 2.26
N THR A 124 4.00 23.26 3.53
CA THR A 124 2.65 22.75 3.78
C THR A 124 1.55 23.65 3.26
N PRO A 125 1.50 24.95 3.58
CA PRO A 125 0.41 25.77 3.04
C PRO A 125 0.35 25.80 1.52
N VAL A 126 1.50 25.92 0.85
CA VAL A 126 1.43 25.99 -0.61
C VAL A 126 1.12 24.63 -1.21
N ASP A 127 1.56 23.54 -0.56
CA ASP A 127 1.16 22.21 -0.99
C ASP A 127 -0.36 22.05 -0.92
N ALA A 128 -0.96 22.56 0.17
CA ALA A 128 -2.41 22.47 0.35
C ALA A 128 -3.14 23.28 -0.70
N PHE A 129 -2.62 24.47 -1.01
CA PHE A 129 -3.21 25.30 -2.05
C PHE A 129 -3.08 24.65 -3.43
N ARG A 130 -1.94 24.06 -3.74
CA ARG A 130 -1.83 23.43 -5.06
C ARG A 130 -2.78 22.24 -5.18
N HIS A 131 -2.97 21.49 -4.08
CA HIS A 131 -3.92 20.39 -4.17
C HIS A 131 -5.33 20.87 -4.37
N TYR A 132 -5.67 22.03 -3.81
CA TYR A 132 -6.96 22.65 -4.08
C TYR A 132 -7.16 22.90 -5.57
N LEU A 133 -6.09 23.29 -6.27
CA LEU A 133 -6.22 23.62 -7.68
C LEU A 133 -6.27 22.39 -8.56
N PHE A 134 -5.57 21.33 -8.17
CA PHE A 134 -5.35 20.22 -9.09
C PHE A 134 -5.71 18.87 -8.49
N GLY A 135 -6.12 18.81 -7.23
CA GLY A 135 -6.30 17.52 -6.56
C GLY A 135 -7.61 16.80 -6.80
N ASN A 136 -8.58 17.45 -7.44
CA ASN A 136 -9.85 16.83 -7.83
C ASN A 136 -10.64 16.34 -6.62
N GLY A 137 -10.46 17.00 -5.47
CA GLY A 137 -11.21 16.66 -4.27
C GLY A 137 -10.70 15.45 -3.49
N THR A 138 -9.58 14.85 -3.88
CA THR A 138 -9.04 13.72 -3.14
C THR A 138 -8.42 14.17 -1.81
N ASN A 139 -8.43 13.29 -0.81
CA ASN A 139 -7.97 13.68 0.53
C ASN A 139 -6.47 13.92 0.57
N LYS A 140 -6.07 14.76 1.52
CA LYS A 140 -4.69 14.90 1.96
C LYS A 140 -4.63 14.57 3.44
N SER A 141 -3.42 14.41 3.96
CA SER A 141 -3.30 14.12 5.39
C SER A 141 -2.02 14.71 5.97
N ILE A 142 -2.06 14.96 7.27
CA ILE A 142 -0.90 15.36 8.05
C ILE A 142 -1.15 14.93 9.49
N ASN A 143 -0.16 14.23 10.07
CA ASN A 143 -0.29 13.77 11.44
C ASN A 143 -0.39 14.96 12.39
N ILE A 144 -1.25 14.84 13.40
CA ILE A 144 -1.47 15.95 14.31
C ILE A 144 -0.18 16.38 14.97
N ASN A 145 0.75 15.43 15.17
CA ASN A 145 2.02 15.76 15.80
C ASN A 145 2.96 16.51 14.86
N ASP A 146 2.67 16.54 13.56
CA ASP A 146 3.47 17.31 12.60
C ASP A 146 2.89 18.67 12.31
N VAL A 147 1.69 18.99 12.81
CA VAL A 147 1.02 20.25 12.42
C VAL A 147 1.72 21.44 13.05
N GLY A 148 2.37 21.27 14.20
CA GLY A 148 2.94 22.41 14.90
C GLY A 148 2.02 23.02 15.96
N LEU A 149 1.12 22.24 16.53
CA LEU A 149 0.23 22.76 17.57
C LEU A 149 0.98 22.92 18.89
N SER A 150 0.74 24.05 19.60
CA SER A 150 1.24 24.21 20.97
C SER A 150 0.04 24.59 21.85
N ILE A 151 -0.70 23.56 22.28
CA ILE A 151 -1.93 23.77 23.04
C ILE A 151 -1.58 23.71 24.53
N ASP A 152 -2.05 24.70 25.27
CA ASP A 152 -2.03 24.72 26.73
C ASP A 152 -3.47 24.57 27.22
N VAL A 153 -3.63 23.91 28.39
CA VAL A 153 -4.97 23.61 28.91
C VAL A 153 -5.78 24.89 29.14
N SER A 154 -5.11 25.99 29.50
CA SER A 154 -5.83 27.25 29.68
C SER A 154 -6.55 27.72 28.43
N GLN A 155 -6.20 27.19 27.25
CA GLN A 155 -6.85 27.51 25.98
C GLN A 155 -7.97 26.55 25.61
N ILE A 156 -8.32 25.61 26.48
CA ILE A 156 -9.33 24.59 26.21
C ILE A 156 -10.60 24.91 27.03
N PRO A 157 -11.57 25.61 26.44
CA PRO A 157 -12.70 26.14 27.23
C PRO A 157 -13.47 25.07 27.99
N PRO A 158 -13.77 23.89 27.40
CA PRO A 158 -14.55 22.91 28.18
C PRO A 158 -13.82 22.37 29.41
N ILE A 159 -12.53 22.60 29.56
CA ILE A 159 -11.83 22.24 30.79
C ILE A 159 -11.79 23.42 31.76
N MET A 160 -11.42 24.61 31.25
CA MET A 160 -11.44 25.81 32.09
C MET A 160 -12.83 26.10 32.64
N ASN A 161 -13.88 25.74 31.89
CA ASN A 161 -15.25 25.92 32.36
C ASN A 161 -15.49 25.17 33.67
N ILE A 162 -14.97 23.95 33.76
CA ILE A 162 -15.12 23.22 35.02
C ILE A 162 -14.30 23.89 36.10
N ILE A 163 -13.03 24.19 35.81
CA ILE A 163 -12.17 24.81 36.80
C ILE A 163 -12.78 26.11 37.31
N ASN A 164 -13.33 26.91 36.41
CA ASN A 164 -13.70 28.26 36.80
C ASN A 164 -15.04 28.32 37.54
N GLN A 165 -15.84 27.27 37.51
CA GLN A 165 -17.08 27.24 38.27
C GLN A 165 -16.87 26.82 39.72
N GLY A 166 -15.63 26.51 40.11
CA GLY A 166 -15.33 26.24 41.50
C GLY A 166 -15.39 24.79 41.90
N PHE A 167 -15.45 23.87 40.94
CA PHE A 167 -15.72 22.49 41.32
C PHE A 167 -14.49 21.83 41.93
N ILE A 168 -14.75 20.76 42.69
CA ILE A 168 -13.72 20.00 43.37
C ILE A 168 -14.01 18.52 43.15
N GLY A 169 -13.02 17.78 42.68
CA GLY A 169 -13.17 16.34 42.51
C GLY A 169 -12.33 15.84 41.34
N ARG A 170 -12.83 14.79 40.70
CA ARG A 170 -12.14 14.11 39.60
C ARG A 170 -13.13 13.89 38.48
N PHE A 171 -12.86 14.45 37.31
CA PHE A 171 -13.81 14.55 36.22
C PHE A 171 -13.28 13.89 34.94
N ASP A 172 -14.12 13.11 34.30
CA ASP A 172 -13.78 12.56 32.99
C ASP A 172 -14.13 13.59 31.93
N ILE A 173 -13.14 13.96 31.15
CA ILE A 173 -13.29 14.96 30.10
C ILE A 173 -13.40 14.24 28.77
N SER A 174 -14.42 14.60 28.00
CA SER A 174 -14.55 14.18 26.61
C SER A 174 -15.29 15.32 25.92
N SER A 175 -14.53 16.22 25.28
CA SER A 175 -15.08 17.48 24.81
C SER A 175 -14.47 17.91 23.48
N ASP A 176 -15.33 18.26 22.52
CA ASP A 176 -14.91 18.99 21.33
C ASP A 176 -14.63 20.45 21.71
N PHE A 177 -13.75 21.09 20.94
CA PHE A 177 -13.53 22.52 21.06
C PHE A 177 -12.86 23.02 19.79
N ASN A 178 -13.03 24.31 19.54
CA ASN A 178 -12.51 24.92 18.33
C ASN A 178 -11.15 25.55 18.61
N ARG A 179 -10.21 25.32 17.69
CA ARG A 179 -8.85 25.82 17.81
C ARG A 179 -8.57 26.75 16.63
N ASN A 180 -8.35 28.02 16.91
CA ASN A 180 -7.89 28.95 15.88
C ASN A 180 -6.38 28.80 15.78
N THR A 181 -5.89 28.14 14.72
CA THR A 181 -4.47 27.81 14.70
C THR A 181 -3.57 29.02 14.52
N VAL A 182 -4.12 30.23 14.41
CA VAL A 182 -3.31 31.44 14.63
C VAL A 182 -2.54 31.35 15.94
N LEU A 183 -3.11 30.68 16.93
CA LEU A 183 -2.46 30.49 18.23
C LEU A 183 -1.22 29.61 18.14
N ASP A 184 -1.10 28.81 17.10
CA ASP A 184 -0.02 27.83 17.04
C ASP A 184 1.13 28.24 16.14
N GLY A 185 0.86 28.97 15.09
CA GLY A 185 1.95 29.38 14.21
C GLY A 185 1.41 29.80 12.87
N ILE A 186 2.28 30.46 12.10
CA ILE A 186 1.86 31.02 10.83
C ILE A 186 1.62 29.91 9.81
N ILE A 187 2.39 28.84 9.87
CA ILE A 187 2.19 27.74 8.91
C ILE A 187 0.81 27.14 9.07
N PRO A 188 0.41 26.60 10.24
CA PRO A 188 -0.96 26.08 10.36
C PRO A 188 -2.03 27.11 10.07
N ALA A 189 -1.81 28.37 10.45
CA ALA A 189 -2.79 29.40 10.19
C ALA A 189 -2.98 29.65 8.71
N SER A 190 -2.01 29.25 7.87
CA SER A 190 -2.04 29.56 6.44
C SER A 190 -2.67 28.47 5.58
N TYR A 191 -3.18 27.38 6.16
CA TYR A 191 -3.97 26.42 5.40
C TYR A 191 -5.05 25.74 6.25
N LEU A 192 -4.89 25.70 7.57
CA LEU A 192 -5.93 25.09 8.42
C LEU A 192 -6.88 26.11 9.00
N GLY A 193 -6.39 27.24 9.49
CA GLY A 193 -7.28 28.23 10.08
C GLY A 193 -7.91 27.66 11.32
N ASN A 194 -9.24 27.69 11.37
CA ASN A 194 -10.01 27.11 12.47
C ASN A 194 -10.22 25.62 12.24
N ILE A 195 -9.86 24.81 13.24
CA ILE A 195 -10.09 23.38 13.18
C ILE A 195 -10.86 22.96 14.42
N THR A 196 -11.59 21.85 14.31
CA THR A 196 -12.26 21.26 15.46
C THR A 196 -11.42 20.11 15.99
N LEU A 197 -11.09 20.18 17.28
CA LEU A 197 -10.35 19.15 18.00
C LEU A 197 -11.24 18.52 19.06
N LYS A 198 -10.80 17.38 19.59
CA LYS A 198 -11.46 16.71 20.70
C LYS A 198 -10.42 16.26 21.71
N THR A 199 -10.69 16.47 23.00
CA THR A 199 -9.80 16.00 24.05
C THR A 199 -10.53 15.09 25.02
N GLU A 200 -9.86 14.00 25.39
CA GLU A 200 -10.37 13.01 26.32
C GLU A 200 -9.29 12.77 27.35
N GLY A 201 -9.66 12.75 28.61
CA GLY A 201 -8.69 12.77 29.69
C GLY A 201 -9.39 12.94 31.02
N VAL A 202 -8.57 13.05 32.07
CA VAL A 202 -9.04 13.15 33.45
C VAL A 202 -8.55 14.48 34.02
N LEU A 203 -9.49 15.28 34.51
CA LEU A 203 -9.19 16.51 35.21
C LEU A 203 -9.49 16.30 36.71
N SER A 204 -8.45 16.47 37.54
CA SER A 204 -8.61 16.40 38.99
C SER A 204 -8.37 17.78 39.58
N ILE A 205 -9.22 18.17 40.53
CA ILE A 205 -9.09 19.44 41.25
C ILE A 205 -9.21 19.15 42.75
N SER A 206 -8.14 19.45 43.49
CA SER A 206 -8.10 19.24 44.93
C SER A 206 -8.89 20.32 45.65
N PRO A 207 -9.26 20.09 46.92
CA PRO A 207 -10.02 21.11 47.67
C PRO A 207 -9.36 22.48 47.68
N ASP A 208 -8.02 22.52 47.72
CA ASP A 208 -7.25 23.76 47.74
C ASP A 208 -7.16 24.43 46.37
N GLY A 209 -7.81 23.89 45.34
CA GLY A 209 -7.84 24.54 44.05
C GLY A 209 -6.69 24.22 43.12
N ALA A 210 -5.74 23.38 43.54
CA ALA A 210 -4.73 22.88 42.60
C ALA A 210 -5.39 21.92 41.63
N TRP A 211 -5.01 22.02 40.35
CA TRP A 211 -5.61 21.15 39.35
C TRP A 211 -4.56 20.55 38.43
N SER A 212 -4.91 19.40 37.89
CA SER A 212 -4.08 18.66 36.96
C SER A 212 -4.98 18.05 35.89
N TYR A 213 -4.53 18.09 34.64
CA TYR A 213 -5.24 17.47 33.53
C TYR A 213 -4.26 16.58 32.77
N ASN A 214 -4.68 15.36 32.47
CA ASN A 214 -3.88 14.45 31.67
C ASN A 214 -4.78 13.82 30.63
N GLY A 215 -4.33 13.83 29.37
CA GLY A 215 -5.10 13.20 28.33
C GLY A 215 -4.47 13.41 26.98
N GLY A 216 -5.31 13.28 25.95
CA GLY A 216 -4.86 13.38 24.58
C GLY A 216 -5.81 14.25 23.78
N ILE A 217 -5.34 14.67 22.62
CA ILE A 217 -6.08 15.52 21.71
C ILE A 217 -6.07 14.86 20.33
N ARG A 218 -7.24 14.81 19.70
CA ARG A 218 -7.40 14.33 18.34
C ARG A 218 -8.07 15.43 17.53
N ALA A 219 -7.99 15.32 16.20
CA ALA A 219 -8.50 16.33 15.30
C ALA A 219 -9.52 15.73 14.34
N TYR A 220 -10.62 16.45 14.11
CA TYR A 220 -11.55 16.02 13.06
C TYR A 220 -10.97 16.37 11.68
N ASN A 221 -11.44 15.66 10.66
CA ASN A 221 -11.09 16.02 9.28
C ASN A 221 -11.49 17.46 9.02
N ASP A 222 -10.60 18.21 8.37
CA ASP A 222 -10.84 19.62 8.11
C ASP A 222 -11.11 19.82 6.62
N LEU A 223 -12.17 20.56 6.31
CA LEU A 223 -12.49 20.84 4.92
C LEU A 223 -11.66 22.03 4.44
N TYR A 224 -10.85 21.81 3.40
CA TYR A 224 -10.11 22.90 2.78
C TYR A 224 -10.99 23.49 1.69
N ASP A 225 -11.63 24.63 1.98
CA ASP A 225 -12.49 25.23 0.96
C ASP A 225 -12.62 26.73 1.16
N ALA A 226 -11.53 27.39 1.56
CA ALA A 226 -11.60 28.82 1.84
C ALA A 226 -11.92 29.63 0.58
N ASN A 227 -12.58 30.76 0.79
CA ASN A 227 -12.99 31.64 -0.32
C ASN A 227 -11.81 32.49 -0.78
N PRO A 228 -11.92 33.14 -1.95
CA PRO A 228 -10.75 33.89 -2.47
C PRO A 228 -10.24 34.94 -1.51
N SER A 229 -11.12 35.51 -0.68
CA SER A 229 -10.69 36.52 0.28
C SER A 229 -9.74 35.91 1.32
N THR A 230 -10.09 34.74 1.86
CA THR A 230 -9.21 34.10 2.83
C THR A 230 -7.88 33.71 2.19
N HIS A 231 -7.89 33.24 0.94
CA HIS A 231 -6.63 32.88 0.29
C HIS A 231 -5.74 34.10 0.11
N ARG A 232 -6.33 35.24 -0.27
CA ARG A 232 -5.56 36.48 -0.35
C ARG A 232 -4.92 36.83 1.00
N ASP A 233 -5.68 36.72 2.10
CA ASP A 233 -5.09 37.06 3.39
C ASP A 233 -3.98 36.09 3.78
N ARG A 234 -4.12 34.81 3.44
CA ARG A 234 -3.14 33.80 3.82
C ARG A 234 -1.96 33.75 2.85
N LEU A 235 -2.20 33.87 1.55
CA LEU A 235 -1.11 33.75 0.57
C LEU A 235 -0.80 35.04 -0.16
N GLY A 236 -1.75 35.94 -0.35
CA GLY A 236 -1.50 37.18 -1.07
C GLY A 236 -2.29 37.23 -2.37
N GLU A 237 -2.15 38.37 -3.05
CA GLU A 237 -3.00 38.64 -4.21
C GLU A 237 -2.76 37.65 -5.33
N TRP A 238 -1.52 37.16 -5.47
CA TRP A 238 -1.21 36.22 -6.55
C TRP A 238 -2.13 35.03 -6.51
N SER A 239 -2.55 34.60 -5.31
CA SER A 239 -3.38 33.42 -5.21
C SER A 239 -4.74 33.62 -5.89
N THR A 240 -5.26 34.85 -5.93
CA THR A 240 -6.60 35.06 -6.48
C THR A 240 -6.63 34.88 -8.00
N GLY A 241 -5.62 35.37 -8.70
CA GLY A 241 -5.59 35.19 -10.15
C GLY A 241 -5.43 33.73 -10.52
N VAL A 242 -4.56 33.01 -9.81
CA VAL A 242 -4.43 31.58 -9.99
C VAL A 242 -5.76 30.88 -9.73
N LEU A 243 -6.41 31.22 -8.61
CA LEU A 243 -7.69 30.60 -8.26
C LEU A 243 -8.75 30.89 -9.32
N ASP A 244 -8.78 32.12 -9.84
CA ASP A 244 -9.78 32.46 -10.85
C ASP A 244 -9.65 31.58 -12.09
N LYS A 245 -8.42 31.42 -12.60
CA LYS A 245 -8.20 30.69 -13.84
C LYS A 245 -8.30 29.18 -13.64
N PHE A 246 -7.75 28.65 -12.56
CA PHE A 246 -7.64 27.20 -12.47
C PHE A 246 -8.70 26.56 -11.59
N ASN A 247 -9.29 27.32 -10.66
CA ASN A 247 -10.43 26.91 -9.83
C ASN A 247 -10.06 25.88 -8.77
N GLY A 248 -10.77 25.92 -7.64
CA GLY A 248 -10.54 25.00 -6.54
C GLY A 248 -11.64 23.96 -6.43
N THR A 249 -11.26 22.78 -5.96
CA THR A 249 -12.19 21.73 -5.58
C THR A 249 -11.99 21.45 -4.10
N PRO A 250 -12.99 21.67 -3.24
CA PRO A 250 -12.80 21.39 -1.82
C PRO A 250 -12.42 19.94 -1.58
N TYR A 251 -11.52 19.73 -0.62
CA TYR A 251 -11.10 18.39 -0.24
C TYR A 251 -10.87 18.36 1.25
N GLU A 252 -10.85 17.16 1.82
CA GLU A 252 -10.69 17.00 3.26
C GLU A 252 -9.23 16.72 3.61
N ILE A 253 -8.75 17.37 4.67
CA ILE A 253 -7.43 17.08 5.21
C ILE A 253 -7.62 16.22 6.45
N GLN A 254 -7.17 14.97 6.37
CA GLN A 254 -7.24 14.07 7.51
C GLN A 254 -6.10 14.38 8.45
N ILE A 255 -6.39 14.47 9.75
CA ILE A 255 -5.37 14.81 10.73
C ILE A 255 -5.34 13.69 11.77
N PRO A 256 -4.67 12.58 11.47
CA PRO A 256 -4.69 11.43 12.38
C PRO A 256 -3.68 11.58 13.52
N GLY A 257 -3.78 10.66 14.46
CA GLY A 257 -2.87 10.63 15.58
C GLY A 257 -3.44 11.32 16.81
N THR A 258 -2.72 11.17 17.90
CA THR A 258 -3.08 11.73 19.20
C THR A 258 -1.92 12.60 19.69
N LEU A 259 -2.26 13.81 20.11
CA LEU A 259 -1.32 14.72 20.73
C LEU A 259 -1.54 14.65 22.24
N ASP A 260 -0.51 14.21 22.97
CA ASP A 260 -0.56 14.18 24.43
C ASP A 260 -0.63 15.60 24.98
N ILE A 261 -1.39 15.79 26.05
CA ILE A 261 -1.44 17.09 26.70
C ILE A 261 -1.43 16.89 28.21
N SER A 262 -0.67 17.75 28.89
CA SER A 262 -0.63 17.85 30.35
C SER A 262 -0.76 19.32 30.73
N GLY A 263 -1.51 19.56 31.78
CA GLY A 263 -1.59 20.88 32.37
C GLY A 263 -1.56 20.74 33.88
N ARG A 264 -0.98 21.75 34.53
CA ARG A 264 -1.01 21.89 35.98
C ARG A 264 -1.22 23.36 36.27
N GLY A 265 -2.07 23.64 37.25
CA GLY A 265 -2.34 25.02 37.59
C GLY A 265 -2.96 25.09 38.96
N GLN A 266 -3.30 26.32 39.37
CA GLN A 266 -3.85 26.61 40.68
C GLN A 266 -5.00 27.59 40.50
N ARG A 267 -6.21 27.18 40.89
CA ARG A 267 -7.40 27.99 40.64
C ARG A 267 -7.32 29.35 41.34
N LEU A 268 -6.98 29.34 42.62
CA LEU A 268 -6.91 30.56 43.46
C LEU A 268 -8.02 31.57 43.17
N ALA B 2 6.03 10.30 4.11
CA ALA B 2 5.23 9.09 4.22
C ALA B 2 5.61 8.27 5.44
N THR B 3 4.70 8.15 6.41
CA THR B 3 4.92 7.22 7.52
C THR B 3 4.48 5.81 7.09
N TYR B 4 5.03 4.80 7.76
CA TYR B 4 4.68 3.41 7.50
C TYR B 4 4.58 2.66 8.82
N LYS B 5 3.98 1.47 8.75
CA LYS B 5 3.83 0.63 9.94
C LYS B 5 5.06 -0.25 10.08
N ILE B 6 5.58 -0.31 11.30
CA ILE B 6 6.73 -1.13 11.64
C ILE B 6 6.31 -1.99 12.82
N LYS B 7 6.24 -3.30 12.62
CA LYS B 7 6.03 -4.23 13.72
C LYS B 7 7.35 -4.93 14.04
N ASP B 8 7.66 -5.03 15.31
CA ASP B 8 8.81 -5.77 15.79
C ASP B 8 8.24 -6.99 16.51
N LEU B 9 8.28 -8.14 15.83
CA LEU B 9 7.83 -9.36 16.50
C LEU B 9 8.66 -9.68 17.74
N THR B 10 9.72 -8.92 18.02
CA THR B 10 10.35 -8.89 19.34
C THR B 10 9.47 -8.03 20.24
N GLY B 11 8.69 -8.69 21.09
CA GLY B 11 7.73 -7.99 21.93
C GLY B 11 6.49 -7.53 21.21
N ASN B 12 6.35 -7.81 19.92
CA ASN B 12 5.16 -7.49 19.13
C ASN B 12 4.66 -6.07 19.42
N VAL B 13 5.51 -5.09 19.12
CA VAL B 13 5.17 -3.67 19.25
C VAL B 13 5.21 -3.03 17.87
N GLU B 14 4.23 -2.18 17.61
CA GLU B 14 4.14 -1.43 16.37
C GLU B 14 4.38 0.04 16.67
N PHE B 15 5.14 0.70 15.80
CA PHE B 15 5.36 2.13 15.96
C PHE B 15 5.39 2.80 14.60
N GLU B 16 5.28 4.12 14.63
CA GLU B 16 5.30 4.94 13.42
C GLU B 16 6.73 5.33 13.06
N CYS B 17 6.99 5.43 11.76
CA CYS B 17 8.30 5.85 11.29
C CYS B 17 8.16 6.43 9.88
N SER B 18 8.64 7.66 9.70
CA SER B 18 8.65 8.31 8.40
C SER B 18 9.79 7.77 7.54
N ASP B 19 9.74 8.11 6.24
CA ASP B 19 10.79 7.71 5.31
C ASP B 19 12.05 8.57 5.42
N ASP B 20 12.08 9.52 6.36
CA ASP B 20 13.27 10.28 6.70
C ASP B 20 13.82 9.91 8.07
N THR B 21 13.11 9.08 8.82
CA THR B 21 13.50 8.71 10.17
C THR B 21 14.20 7.35 10.14
N TYR B 22 15.34 7.26 10.83
CA TYR B 22 15.94 5.95 11.07
C TYR B 22 15.03 5.15 12.01
N ILE B 23 14.84 3.87 11.67
CA ILE B 23 13.91 3.02 12.39
C ILE B 23 14.24 2.98 13.88
N LEU B 24 15.54 3.00 14.22
CA LEU B 24 15.92 2.99 15.63
C LEU B 24 15.49 4.26 16.34
N ASP B 25 15.54 5.40 15.65
CA ASP B 25 15.17 6.66 16.28
C ASP B 25 13.67 6.72 16.54
N ALA B 26 12.87 6.34 15.55
CA ALA B 26 11.42 6.35 15.71
C ALA B 26 10.98 5.44 16.85
N ALA B 27 11.57 4.24 16.93
CA ALA B 27 11.24 3.34 18.03
C ALA B 27 11.67 3.92 19.37
N GLU B 28 12.81 4.62 19.40
CA GLU B 28 13.24 5.25 20.64
C GLU B 28 12.28 6.37 21.03
N GLU B 29 11.76 7.10 20.04
CA GLU B 29 10.72 8.09 20.28
C GLU B 29 9.56 7.49 21.06
N ALA B 30 9.00 6.38 20.54
CA ALA B 30 7.91 5.68 21.21
C ALA B 30 8.40 4.91 22.42
N GLY B 31 9.49 5.36 23.04
CA GLY B 31 9.91 4.86 24.34
C GLY B 31 10.33 3.41 24.37
N LEU B 32 10.50 2.82 23.20
CA LEU B 32 10.89 1.43 23.11
C LEU B 32 12.40 1.28 23.31
N ASP B 33 12.79 0.13 23.84
CA ASP B 33 14.19 -0.17 24.10
C ASP B 33 14.65 -1.20 23.07
N LEU B 34 15.23 -0.71 21.96
CA LEU B 34 15.82 -1.48 20.87
C LEU B 34 17.33 -1.58 21.05
N PRO B 35 17.90 -2.74 20.72
CA PRO B 35 19.35 -2.91 20.87
C PRO B 35 20.13 -2.03 19.90
N TYR B 36 21.24 -1.51 20.39
CA TYR B 36 22.19 -0.80 19.54
C TYR B 36 23.55 -0.86 20.22
N SER B 37 24.57 -0.47 19.45
CA SER B 37 25.89 -0.26 20.00
C SER B 37 26.56 0.91 19.31
N CYS B 38 27.01 0.71 18.06
CA CYS B 38 27.81 1.73 17.40
C CYS B 38 26.95 2.91 16.92
N ARG B 39 25.65 2.70 16.70
CA ARG B 39 24.76 3.71 16.14
C ARG B 39 25.37 4.37 14.91
N ALA B 40 26.15 3.61 14.13
CA ALA B 40 26.85 4.21 13.01
C ALA B 40 26.90 3.29 11.78
N GLY B 41 26.02 2.30 11.70
CA GLY B 41 26.00 1.43 10.53
C GLY B 41 27.19 0.49 10.39
N SER B 42 27.92 0.21 11.48
CA SER B 42 29.16 -0.55 11.38
C SER B 42 29.29 -1.60 12.48
N CYS B 43 28.19 -2.20 12.92
CA CYS B 43 28.27 -3.29 13.89
C CYS B 43 27.03 -4.17 13.73
N SER B 44 26.93 -5.20 14.59
CA SER B 44 25.86 -6.17 14.50
C SER B 44 24.82 -6.06 15.61
N SER B 45 24.82 -4.98 16.39
CA SER B 45 23.99 -4.95 17.59
C SER B 45 22.56 -4.49 17.33
N CYS B 46 22.33 -3.63 16.36
CA CYS B 46 20.98 -3.17 16.10
C CYS B 46 20.26 -4.00 15.04
N VAL B 47 20.92 -5.00 14.44
CA VAL B 47 20.40 -5.64 13.23
C VAL B 47 19.10 -6.37 13.54
N ALA B 48 18.09 -6.13 12.71
CA ALA B 48 16.82 -6.84 12.76
C ALA B 48 16.64 -7.64 11.48
N LEU B 49 15.85 -8.72 11.57
CA LEU B 49 15.48 -9.46 10.36
C LEU B 49 14.50 -8.64 9.57
N LEU B 50 14.72 -8.58 8.26
CA LEU B 50 13.73 -7.96 7.37
C LEU B 50 12.78 -9.05 6.88
N ILE B 51 11.77 -9.34 7.71
CA ILE B 51 10.80 -10.39 7.38
C ILE B 51 9.83 -9.92 6.29
N SER B 52 9.47 -8.64 6.27
CA SER B 52 8.58 -8.12 5.25
C SER B 52 8.86 -6.64 5.10
N GLY B 53 8.70 -6.14 3.88
CA GLY B 53 8.88 -4.72 3.59
C GLY B 53 10.14 -4.45 2.78
N SER B 54 10.31 -3.16 2.47
CA SER B 54 11.48 -2.64 1.77
C SER B 54 12.06 -1.46 2.55
N VAL B 55 13.38 -1.29 2.45
CA VAL B 55 14.07 -0.24 3.21
C VAL B 55 15.16 0.41 2.37
N ASP B 56 15.62 1.57 2.85
CA ASP B 56 16.73 2.33 2.28
C ASP B 56 17.93 2.19 3.22
N GLN B 57 18.83 1.26 2.89
CA GLN B 57 20.00 1.00 3.71
C GLN B 57 21.29 1.27 2.95
N ARG B 58 21.41 2.47 2.38
CA ARG B 58 22.66 2.86 1.72
C ARG B 58 23.73 3.26 2.72
N ASP B 59 23.35 3.88 3.84
CA ASP B 59 24.28 4.16 4.92
C ASP B 59 24.69 2.90 5.69
N ALA B 60 24.08 1.75 5.38
CA ALA B 60 24.41 0.50 6.06
C ALA B 60 25.81 0.01 5.71
N SER B 61 26.19 0.10 4.43
CA SER B 61 27.53 -0.21 3.96
C SER B 61 27.97 -1.66 4.19
N PHE B 62 28.00 -2.12 5.45
CA PHE B 62 28.62 -3.42 5.73
C PHE B 62 27.78 -4.58 5.20
N LEU B 63 26.45 -4.44 5.21
CA LEU B 63 25.58 -5.49 4.69
C LEU B 63 25.94 -5.78 3.24
N ASP B 64 25.68 -4.83 2.34
CA ASP B 64 26.19 -4.83 0.97
C ASP B 64 25.87 -6.11 0.21
N GLU B 65 26.36 -7.26 0.71
CA GLU B 65 26.14 -8.56 0.11
C GLU B 65 24.65 -8.86 -0.06
N GLU B 66 24.32 -10.07 -0.51
CA GLU B 66 22.92 -10.49 -0.56
C GLU B 66 22.22 -10.31 0.79
N GLN B 67 23.01 -10.17 1.86
CA GLN B 67 22.58 -9.81 3.21
C GLN B 67 21.50 -8.73 3.27
N GLN B 68 21.54 -7.76 2.35
CA GLN B 68 20.62 -6.63 2.43
C GLN B 68 19.18 -7.02 2.13
N LYS B 69 18.97 -8.15 1.46
CA LYS B 69 17.63 -8.63 1.17
C LYS B 69 16.98 -9.33 2.36
N TYR B 70 17.74 -9.60 3.43
CA TYR B 70 17.23 -10.37 4.56
C TYR B 70 17.53 -9.76 5.92
N PHE B 71 18.28 -8.65 5.97
CA PHE B 71 18.64 -8.01 7.23
C PHE B 71 18.48 -6.50 7.09
N VAL B 72 18.20 -5.84 8.21
CA VAL B 72 18.05 -4.38 8.20
C VAL B 72 18.75 -3.80 9.44
N LEU B 73 19.43 -2.67 9.25
CA LEU B 73 20.09 -1.94 10.34
C LEU B 73 19.20 -0.82 10.82
N THR B 74 18.58 -1.00 11.98
CA THR B 74 17.59 -0.02 12.41
C THR B 74 18.19 1.35 12.65
N CYS B 75 19.49 1.45 12.96
CA CYS B 75 20.11 2.74 13.20
C CYS B 75 20.40 3.52 11.92
N ALA B 76 20.26 2.91 10.74
CA ALA B 76 20.69 3.52 9.50
C ALA B 76 19.76 3.19 8.32
N ALA B 77 18.49 2.87 8.60
CA ALA B 77 17.55 2.41 7.58
C ALA B 77 16.34 3.33 7.50
N TYR B 78 15.89 3.60 6.27
CA TYR B 78 14.71 4.41 6.00
C TYR B 78 13.59 3.52 5.46
N PRO B 79 12.43 3.47 6.13
CA PRO B 79 11.35 2.58 5.69
C PRO B 79 10.75 3.06 4.37
N ASN B 80 10.77 2.18 3.37
CA ASN B 80 10.15 2.45 2.08
C ASN B 80 8.81 1.73 1.93
N SER B 81 8.24 1.26 3.03
CA SER B 81 7.06 0.41 3.04
C SER B 81 6.72 0.10 4.49
N ASN B 82 5.55 -0.51 4.70
CA ASN B 82 5.31 -1.17 5.96
C ASN B 82 6.30 -2.32 6.10
N CYS B 83 6.70 -2.59 7.34
CA CYS B 83 7.77 -3.53 7.56
C CYS B 83 7.46 -4.40 8.77
N VAL B 84 7.58 -5.71 8.58
CA VAL B 84 7.75 -6.65 9.68
C VAL B 84 9.24 -6.88 9.86
N ILE B 85 9.71 -6.69 11.09
CA ILE B 85 11.11 -6.85 11.44
C ILE B 85 11.20 -7.61 12.77
N LYS B 86 12.35 -8.23 12.99
CA LYS B 86 12.63 -8.96 14.22
C LYS B 86 14.00 -8.50 14.73
N THR B 87 13.99 -7.56 15.69
CA THR B 87 15.21 -7.14 16.36
C THR B 87 15.75 -8.28 17.21
N GLY B 88 17.03 -8.17 17.55
CA GLY B 88 17.65 -9.16 18.41
C GLY B 88 18.21 -10.38 17.72
N VAL B 89 18.66 -10.24 16.48
CA VAL B 89 19.08 -11.39 15.67
C VAL B 89 20.55 -11.30 15.30
N GLU B 90 21.33 -10.54 16.08
CA GLU B 90 22.76 -10.41 15.84
C GLU B 90 23.42 -11.77 15.62
N GLU B 91 22.89 -12.82 16.27
CA GLU B 91 23.50 -14.14 16.17
C GLU B 91 23.31 -14.73 14.77
N MET B 92 22.13 -14.50 14.17
CA MET B 92 21.88 -15.01 12.84
C MET B 92 22.70 -14.27 11.80
N LEU B 93 22.80 -12.95 11.93
CA LEU B 93 23.67 -12.18 11.05
C LEU B 93 25.11 -12.66 11.17
N LEU B 94 25.57 -12.94 12.39
CA LEU B 94 26.97 -13.31 12.59
C LEU B 94 27.29 -14.71 12.10
N GLY B 95 26.31 -15.59 12.00
CA GLY B 95 26.61 -16.93 11.50
C GLY B 95 25.48 -17.66 10.83
N TYR B 96 24.89 -17.06 9.80
CA TYR B 96 23.93 -17.76 8.95
C TYR B 96 24.63 -18.13 7.66
N ASP B 97 24.48 -19.39 7.26
CA ASP B 97 25.00 -19.84 5.98
C ASP B 97 23.97 -19.65 4.85
N SER B 98 22.68 -19.83 5.17
CA SER B 98 21.65 -19.78 4.14
C SER B 98 20.30 -19.60 4.82
N TYR B 99 19.23 -19.74 4.03
CA TYR B 99 17.87 -19.69 4.56
C TYR B 99 17.61 -20.91 5.45
N ARG B 100 18.31 -22.02 5.17
CA ARG B 100 18.16 -23.25 5.94
C ARG B 100 18.30 -23.02 7.44
N ASP B 101 19.24 -22.17 7.82
CA ASP B 101 19.54 -22.02 9.25
C ASP B 101 18.43 -21.30 9.99
N MET B 102 17.68 -20.40 9.34
CA MET B 102 16.68 -19.61 10.02
C MET B 102 15.24 -20.00 9.67
N SER B 103 15.05 -21.02 8.82
CA SER B 103 13.71 -21.36 8.36
C SER B 103 12.83 -21.85 9.51
N GLU B 104 13.37 -22.65 10.42
CA GLU B 104 12.51 -23.17 11.48
C GLU B 104 12.05 -22.06 12.43
N TYR B 105 12.95 -21.14 12.79
CA TYR B 105 12.55 -19.96 13.55
C TYR B 105 11.42 -19.20 12.84
N LEU B 106 11.65 -18.83 11.57
CA LEU B 106 10.66 -18.07 10.83
C LEU B 106 9.32 -18.79 10.76
N PHE B 107 9.35 -20.11 10.50
CA PHE B 107 8.13 -20.92 10.45
C PHE B 107 7.26 -20.71 11.68
N GLY B 108 7.86 -20.77 12.87
CA GLY B 108 7.02 -20.70 14.09
C GLY B 108 6.39 -19.34 14.31
N LEU B 109 6.94 -18.30 13.70
CA LEU B 109 6.54 -16.90 13.78
C LEU B 109 5.46 -16.50 12.77
N LEU B 110 4.89 -17.46 12.01
CA LEU B 110 4.23 -17.10 10.76
C LEU B 110 2.94 -16.32 10.97
N GLY B 111 2.28 -16.50 12.10
CA GLY B 111 1.07 -15.75 12.32
C GLY B 111 1.24 -14.45 13.08
N GLY B 112 2.50 -14.06 13.34
CA GLY B 112 2.84 -12.94 14.21
C GLY B 112 2.46 -11.57 13.68
N ASN B 113 2.04 -11.46 12.43
CA ASN B 113 1.52 -10.21 11.90
C ASN B 113 0.11 -10.37 11.35
N ASP B 114 -0.62 -11.40 11.81
CA ASP B 114 -2.00 -11.59 11.41
C ASP B 114 -2.86 -10.48 11.98
N SER B 115 -3.98 -10.21 11.31
CA SER B 115 -4.94 -9.27 11.86
C SER B 115 -5.53 -9.80 13.16
N PRO B 116 -5.81 -8.93 14.15
CA PRO B 116 -6.30 -9.42 15.45
C PRO B 116 -7.68 -10.04 15.40
N GLU B 117 -8.58 -9.57 14.53
CA GLU B 117 -9.96 -10.01 14.58
C GLU B 117 -10.06 -11.49 14.27
N LEU B 118 -10.68 -12.23 15.18
CA LEU B 118 -10.98 -13.64 14.95
C LEU B 118 -12.04 -13.78 13.86
N LEU B 119 -11.93 -14.87 13.09
CA LEU B 119 -12.96 -15.22 12.14
C LEU B 119 -14.26 -15.57 12.87
N ASP B 120 -15.36 -15.46 12.14
CA ASP B 120 -16.73 -15.61 12.62
C ASP B 120 -17.19 -17.05 12.46
N GLY B 121 -18.26 -17.40 13.19
CA GLY B 121 -18.99 -18.62 12.88
C GLY B 121 -18.24 -19.87 13.23
N LEU B 122 -18.39 -20.89 12.36
CA LEU B 122 -17.71 -22.16 12.57
C LEU B 122 -16.19 -22.03 12.59
N PHE B 123 -15.66 -20.95 12.02
CA PHE B 123 -14.22 -20.78 11.99
C PHE B 123 -13.62 -20.35 13.32
N THR B 124 -14.40 -19.70 14.21
CA THR B 124 -13.77 -19.06 15.36
C THR B 124 -12.95 -20.03 16.22
N PRO B 125 -13.44 -21.20 16.61
CA PRO B 125 -12.63 -22.07 17.48
C PRO B 125 -11.37 -22.60 16.82
N VAL B 126 -11.42 -22.90 15.53
CA VAL B 126 -10.21 -23.43 14.92
C VAL B 126 -9.23 -22.31 14.61
N ASP B 127 -9.76 -21.11 14.29
CA ASP B 127 -8.89 -19.95 14.11
C ASP B 127 -8.09 -19.66 15.39
N ALA B 128 -8.78 -19.72 16.54
CA ALA B 128 -8.12 -19.51 17.83
C ALA B 128 -7.07 -20.59 18.08
N PHE B 129 -7.37 -21.84 17.70
CA PHE B 129 -6.39 -22.91 17.85
C PHE B 129 -5.18 -22.72 16.95
N ARG B 130 -5.38 -22.30 15.69
CA ARG B 130 -4.24 -22.12 14.81
C ARG B 130 -3.34 -20.98 15.30
N HIS B 131 -3.93 -19.91 15.83
CA HIS B 131 -3.13 -18.78 16.29
C HIS B 131 -2.33 -19.15 17.53
N TYR B 132 -2.88 -20.05 18.35
CA TYR B 132 -2.13 -20.65 19.43
C TYR B 132 -0.81 -21.26 18.91
N LEU B 133 -0.86 -21.94 17.75
CA LEU B 133 0.31 -22.62 17.23
C LEU B 133 1.28 -21.67 16.51
N PHE B 134 0.78 -20.63 15.85
CA PHE B 134 1.64 -19.82 15.01
C PHE B 134 1.64 -18.33 15.34
N GLY B 135 0.89 -17.89 16.36
CA GLY B 135 0.66 -16.47 16.58
C GLY B 135 1.74 -15.69 17.31
N ASN B 136 2.73 -16.37 17.89
CA ASN B 136 3.81 -15.70 18.63
C ASN B 136 3.25 -14.89 19.80
N GLY B 137 2.22 -15.42 20.44
CA GLY B 137 1.59 -14.79 21.61
C GLY B 137 0.90 -13.47 21.35
N THR B 138 0.66 -13.09 20.09
CA THR B 138 0.04 -11.82 19.80
C THR B 138 -1.47 -11.86 20.07
N ASN B 139 -2.04 -10.70 20.39
CA ASN B 139 -3.46 -10.60 20.71
C ASN B 139 -4.36 -10.99 19.55
N LYS B 140 -5.46 -11.65 19.87
CA LYS B 140 -6.66 -11.70 19.04
C LYS B 140 -7.77 -10.89 19.70
N SER B 141 -8.86 -10.68 18.96
CA SER B 141 -10.00 -9.98 19.55
C SER B 141 -11.29 -10.42 18.87
N ILE B 142 -12.39 -10.25 19.61
CA ILE B 142 -13.75 -10.47 19.13
C ILE B 142 -14.70 -9.64 19.99
N ASN B 143 -15.59 -8.88 19.34
CA ASN B 143 -16.52 -8.04 20.08
C ASN B 143 -17.47 -8.91 20.89
N ILE B 144 -17.74 -8.48 22.15
CA ILE B 144 -18.60 -9.26 23.02
C ILE B 144 -19.96 -9.49 22.38
N ASN B 145 -20.40 -8.58 21.52
CA ASN B 145 -21.68 -8.76 20.81
C ASN B 145 -21.61 -9.79 19.69
N ASP B 146 -20.42 -10.24 19.32
CA ASP B 146 -20.27 -11.26 18.29
C ASP B 146 -19.95 -12.63 18.85
N VAL B 147 -19.78 -12.74 20.18
CA VAL B 147 -19.42 -14.02 20.76
C VAL B 147 -20.58 -15.00 20.68
N GLY B 148 -21.81 -14.51 20.67
CA GLY B 148 -22.94 -15.41 20.75
C GLY B 148 -23.36 -15.73 22.18
N LEU B 149 -23.24 -14.75 23.07
CA LEU B 149 -23.65 -14.91 24.46
C LEU B 149 -25.16 -14.70 24.61
N SER B 150 -25.83 -15.59 25.34
CA SER B 150 -27.26 -15.41 25.66
C SER B 150 -27.44 -15.49 27.17
N ILE B 151 -27.31 -14.37 27.87
CA ILE B 151 -27.29 -14.34 29.32
C ILE B 151 -28.63 -13.83 29.81
N ASP B 152 -29.29 -14.58 30.69
CA ASP B 152 -30.41 -14.05 31.49
C ASP B 152 -29.88 -13.59 32.82
N VAL B 153 -30.59 -12.62 33.42
CA VAL B 153 -30.25 -12.18 34.78
C VAL B 153 -30.23 -13.36 35.75
N SER B 154 -31.12 -14.33 35.57
CA SER B 154 -31.19 -15.46 36.49
C SER B 154 -29.90 -16.27 36.54
N GLN B 155 -29.02 -16.12 35.55
CA GLN B 155 -27.75 -16.84 35.54
C GLN B 155 -26.61 -16.01 36.10
N ILE B 156 -26.91 -14.87 36.72
CA ILE B 156 -25.88 -13.98 37.26
C ILE B 156 -25.93 -14.05 38.79
N PRO B 157 -25.02 -14.79 39.41
CA PRO B 157 -25.14 -15.05 40.86
C PRO B 157 -25.13 -13.80 41.71
N PRO B 158 -24.19 -12.85 41.51
CA PRO B 158 -24.17 -11.67 42.40
C PRO B 158 -25.41 -10.79 42.31
N ILE B 159 -26.27 -10.98 41.31
CA ILE B 159 -27.56 -10.31 41.31
C ILE B 159 -28.62 -11.17 42.00
N MET B 160 -28.64 -12.47 41.65
CA MET B 160 -29.61 -13.38 42.23
C MET B 160 -29.37 -13.58 43.72
N ASN B 161 -28.10 -13.48 44.16
CA ASN B 161 -27.78 -13.56 45.58
C ASN B 161 -28.46 -12.45 46.38
N ILE B 162 -28.67 -11.31 45.74
CA ILE B 162 -29.36 -10.20 46.38
C ILE B 162 -30.86 -10.46 46.42
N ILE B 163 -31.43 -10.88 45.30
CA ILE B 163 -32.87 -11.12 45.25
C ILE B 163 -33.27 -12.18 46.27
N ASN B 164 -32.49 -13.24 46.38
CA ASN B 164 -32.90 -14.37 47.21
C ASN B 164 -32.72 -14.12 48.70
N GLN B 165 -31.94 -13.12 49.09
CA GLN B 165 -31.88 -12.76 50.51
C GLN B 165 -33.10 -11.98 50.97
N GLY B 166 -34.06 -11.73 50.08
CA GLY B 166 -35.28 -11.05 50.45
C GLY B 166 -35.21 -9.54 50.51
N PHE B 167 -34.13 -8.93 50.05
CA PHE B 167 -34.00 -7.49 50.18
C PHE B 167 -35.03 -6.77 49.32
N ILE B 168 -35.28 -5.50 49.69
CA ILE B 168 -36.25 -4.64 49.01
C ILE B 168 -35.63 -3.26 48.88
N GLY B 169 -35.59 -2.73 47.66
CA GLY B 169 -35.01 -1.41 47.42
C GLY B 169 -34.36 -1.33 46.04
N ARG B 170 -33.35 -0.47 45.96
CA ARG B 170 -32.65 -0.14 44.72
C ARG B 170 -31.15 -0.37 44.92
N PHE B 171 -30.57 -1.30 44.16
CA PHE B 171 -29.16 -1.66 44.30
C PHE B 171 -28.38 -1.23 43.07
N ASP B 172 -27.30 -0.47 43.30
CA ASP B 172 -26.30 -0.22 42.26
C ASP B 172 -25.39 -1.44 42.19
N ILE B 173 -25.42 -2.16 41.08
CA ILE B 173 -24.69 -3.40 40.92
C ILE B 173 -23.38 -3.11 40.18
N SER B 174 -22.27 -3.66 40.69
CA SER B 174 -21.00 -3.62 39.98
C SER B 174 -20.22 -4.88 40.40
N SER B 175 -20.43 -5.97 39.66
CA SER B 175 -19.94 -7.27 40.09
C SER B 175 -19.30 -8.04 38.95
N ASP B 176 -18.10 -8.58 39.21
CA ASP B 176 -17.57 -9.65 38.35
C ASP B 176 -18.38 -10.92 38.55
N PHE B 177 -18.36 -11.78 37.53
CA PHE B 177 -18.91 -13.13 37.69
C PHE B 177 -18.35 -14.00 36.59
N ASN B 178 -18.37 -15.31 36.84
CA ASN B 178 -17.86 -16.28 35.88
C ASN B 178 -18.98 -16.80 34.99
N ARG B 179 -18.67 -16.98 33.71
CA ARG B 179 -19.64 -17.44 32.72
C ARG B 179 -19.05 -18.62 31.97
N ASN B 180 -19.65 -19.78 32.14
CA ASN B 180 -19.28 -20.98 31.38
C ASN B 180 -20.04 -20.95 30.06
N THR B 181 -19.33 -20.62 28.95
CA THR B 181 -20.04 -20.42 27.68
C THR B 181 -20.59 -21.71 27.09
N VAL B 182 -20.43 -22.86 27.76
CA VAL B 182 -21.29 -24.00 27.44
C VAL B 182 -22.74 -23.57 27.45
N LEU B 183 -23.11 -22.65 28.35
CA LEU B 183 -24.49 -22.20 28.43
C LEU B 183 -24.92 -21.40 27.21
N ASP B 184 -23.96 -20.86 26.46
CA ASP B 184 -24.28 -19.97 25.36
C ASP B 184 -24.29 -20.66 24.01
N GLY B 185 -23.42 -21.63 23.79
CA GLY B 185 -23.40 -22.35 22.54
C GLY B 185 -22.08 -23.06 22.33
N ILE B 186 -22.09 -24.00 21.38
CA ILE B 186 -20.91 -24.85 21.20
C ILE B 186 -19.73 -24.05 20.66
N ILE B 187 -19.97 -22.97 19.90
CA ILE B 187 -18.85 -22.22 19.33
C ILE B 187 -18.06 -21.54 20.44
N PRO B 188 -18.65 -20.63 21.26
CA PRO B 188 -17.85 -20.03 22.36
C PRO B 188 -17.29 -21.05 23.31
N ALA B 189 -18.05 -22.12 23.61
CA ALA B 189 -17.55 -23.18 24.48
C ALA B 189 -16.34 -23.91 23.90
N SER B 190 -16.10 -23.78 22.59
CA SER B 190 -14.99 -24.52 21.99
C SER B 190 -13.70 -23.70 21.88
N TYR B 191 -13.67 -22.46 22.40
CA TYR B 191 -12.40 -21.74 22.43
C TYR B 191 -12.30 -20.81 23.64
N LEU B 192 -13.44 -20.41 24.20
CA LEU B 192 -13.44 -19.55 25.38
C LEU B 192 -13.56 -20.36 26.68
N GLY B 193 -14.47 -21.32 26.73
CA GLY B 193 -14.67 -22.09 27.94
C GLY B 193 -15.24 -21.17 29.01
N ASN B 194 -14.53 -21.02 30.11
CA ASN B 194 -14.94 -20.14 31.19
C ASN B 194 -14.31 -18.77 31.00
N ILE B 195 -15.15 -17.74 31.02
CA ILE B 195 -14.69 -16.36 30.90
C ILE B 195 -15.20 -15.60 32.12
N THR B 196 -14.51 -14.50 32.46
CA THR B 196 -14.93 -13.63 33.54
C THR B 196 -15.60 -12.39 32.96
N LEU B 197 -16.83 -12.13 33.40
CA LEU B 197 -17.61 -10.99 32.95
C LEU B 197 -17.80 -10.03 34.13
N LYS B 198 -18.27 -8.84 33.82
CA LYS B 198 -18.59 -7.83 34.84
C LYS B 198 -19.89 -7.17 34.41
N THR B 199 -20.82 -7.02 35.33
CA THR B 199 -22.06 -6.33 35.01
C THR B 199 -22.24 -5.14 35.93
N GLU B 200 -22.71 -4.04 35.34
CA GLU B 200 -22.99 -2.81 36.05
C GLU B 200 -24.39 -2.41 35.65
N GLY B 201 -25.20 -2.02 36.63
CA GLY B 201 -26.58 -1.66 36.37
C GLY B 201 -27.29 -1.37 37.67
N VAL B 202 -28.62 -1.28 37.58
CA VAL B 202 -29.48 -1.01 38.72
C VAL B 202 -30.47 -2.16 38.88
N LEU B 203 -30.50 -2.75 40.07
CA LEU B 203 -31.47 -3.79 40.44
C LEU B 203 -32.54 -3.19 41.35
N SER B 204 -33.80 -3.27 40.93
CA SER B 204 -34.92 -2.75 41.72
C SER B 204 -35.80 -3.92 42.16
N ILE B 205 -36.11 -3.93 43.45
CA ILE B 205 -37.00 -4.95 44.02
C ILE B 205 -38.10 -4.23 44.78
N SER B 206 -39.34 -4.42 44.34
CA SER B 206 -40.46 -3.76 45.00
C SER B 206 -40.89 -4.55 46.22
N PRO B 207 -41.66 -3.94 47.13
CA PRO B 207 -42.08 -4.67 48.35
C PRO B 207 -42.72 -6.02 48.08
N ASP B 208 -43.53 -6.15 47.02
CA ASP B 208 -44.23 -7.40 46.69
C ASP B 208 -43.31 -8.45 46.06
N GLY B 209 -42.00 -8.19 45.95
CA GLY B 209 -41.08 -9.16 45.40
C GLY B 209 -40.85 -9.07 43.90
N ALA B 210 -41.57 -8.19 43.20
CA ALA B 210 -41.33 -8.02 41.77
C ALA B 210 -40.01 -7.28 41.56
N TRP B 211 -39.21 -7.76 40.62
CA TRP B 211 -37.88 -7.20 40.45
C TRP B 211 -37.56 -7.01 38.98
N SER B 212 -36.58 -6.15 38.74
CA SER B 212 -36.09 -5.91 37.40
C SER B 212 -34.65 -5.43 37.51
N TYR B 213 -33.91 -5.63 36.41
CA TYR B 213 -32.50 -5.24 36.32
C TYR B 213 -32.23 -4.68 34.94
N ASN B 214 -31.61 -3.51 34.89
CA ASN B 214 -31.14 -2.87 33.66
C ASN B 214 -29.66 -2.56 33.78
N GLY B 215 -28.88 -2.98 32.78
CA GLY B 215 -27.46 -2.71 32.81
C GLY B 215 -26.75 -3.19 31.56
N GLY B 216 -25.43 -3.30 31.69
CA GLY B 216 -24.60 -3.81 30.62
C GLY B 216 -23.67 -4.89 31.16
N ILE B 217 -22.99 -5.54 30.22
CA ILE B 217 -22.01 -6.58 30.53
C ILE B 217 -20.77 -6.32 29.67
N ARG B 218 -19.61 -6.27 30.31
CA ARG B 218 -18.32 -6.22 29.63
C ARG B 218 -17.52 -7.46 30.00
N ALA B 219 -16.45 -7.73 29.24
CA ALA B 219 -15.69 -8.97 29.39
C ALA B 219 -14.21 -8.67 29.56
N TYR B 220 -13.57 -9.33 30.53
CA TYR B 220 -12.13 -9.18 30.66
C TYR B 220 -11.41 -9.98 29.56
N ASN B 221 -10.16 -9.60 29.28
CA ASN B 221 -9.36 -10.34 28.31
C ASN B 221 -9.24 -11.79 28.75
N ASP B 222 -9.39 -12.72 27.80
CA ASP B 222 -9.35 -14.15 28.10
C ASP B 222 -8.04 -14.75 27.62
N LEU B 223 -7.29 -15.36 28.53
CA LEU B 223 -6.06 -16.05 28.18
C LEU B 223 -6.39 -17.39 27.53
N TYR B 224 -5.89 -17.58 26.30
CA TYR B 224 -6.05 -18.83 25.57
C TYR B 224 -4.84 -19.68 25.87
N ASP B 225 -5.03 -20.69 26.74
CA ASP B 225 -3.89 -21.48 27.20
C ASP B 225 -4.29 -22.89 27.64
N ALA B 226 -5.36 -23.44 27.06
CA ALA B 226 -5.86 -24.74 27.48
C ALA B 226 -4.77 -25.80 27.39
N ASN B 227 -4.83 -26.77 28.31
CA ASN B 227 -3.91 -27.89 28.27
C ASN B 227 -4.37 -28.90 27.20
N PRO B 228 -3.56 -29.91 26.88
CA PRO B 228 -3.95 -30.82 25.79
C PRO B 228 -5.25 -31.57 26.04
N SER B 229 -5.57 -31.88 27.30
CA SER B 229 -6.84 -32.54 27.58
C SER B 229 -8.02 -31.67 27.16
N THR B 230 -7.96 -30.38 27.47
CA THR B 230 -9.04 -29.48 27.10
C THR B 230 -9.20 -29.36 25.59
N HIS B 231 -8.08 -29.17 24.87
CA HIS B 231 -8.15 -29.16 23.41
C HIS B 231 -8.74 -30.47 22.88
N ARG B 232 -8.28 -31.60 23.42
CA ARG B 232 -8.85 -32.91 23.05
C ARG B 232 -10.36 -32.97 23.30
N ASP B 233 -10.84 -32.38 24.39
CA ASP B 233 -12.29 -32.32 24.61
C ASP B 233 -12.98 -31.40 23.60
N ARG B 234 -12.45 -30.19 23.41
CA ARG B 234 -13.11 -29.23 22.54
C ARG B 234 -13.03 -29.66 21.07
N LEU B 235 -11.85 -30.07 20.63
CA LEU B 235 -11.61 -30.34 19.20
C LEU B 235 -11.49 -31.81 18.87
N GLY B 236 -10.89 -32.62 19.73
CA GLY B 236 -10.70 -34.02 19.48
C GLY B 236 -9.23 -34.40 19.50
N GLU B 237 -8.98 -35.69 19.26
CA GLU B 237 -7.65 -36.25 19.43
C GLU B 237 -6.66 -35.75 18.39
N TRP B 238 -7.14 -35.30 17.23
CA TRP B 238 -6.22 -34.75 16.22
C TRP B 238 -5.43 -33.57 16.77
N SER B 239 -6.05 -32.79 17.67
CA SER B 239 -5.37 -31.61 18.22
C SER B 239 -4.13 -31.99 19.02
N THR B 240 -4.11 -33.22 19.56
CA THR B 240 -3.00 -33.62 20.42
C THR B 240 -1.73 -33.88 19.62
N GLY B 241 -1.85 -34.59 18.50
CA GLY B 241 -0.69 -34.80 17.64
C GLY B 241 -0.12 -33.50 17.14
N VAL B 242 -0.99 -32.56 16.78
CA VAL B 242 -0.54 -31.24 16.34
C VAL B 242 0.20 -30.54 17.46
N LEU B 243 -0.39 -30.51 18.66
CA LEU B 243 0.22 -29.80 19.78
C LEU B 243 1.55 -30.43 20.20
N ASP B 244 1.67 -31.77 20.11
CA ASP B 244 2.96 -32.40 20.40
C ASP B 244 4.07 -31.89 19.48
N LYS B 245 3.78 -31.77 18.18
CA LYS B 245 4.84 -31.43 17.24
C LYS B 245 5.08 -29.93 17.20
N PHE B 246 4.00 -29.16 17.16
CA PHE B 246 4.05 -27.73 17.04
C PHE B 246 3.66 -27.16 18.39
N ASN B 247 4.30 -26.10 18.79
CA ASN B 247 4.12 -25.69 20.15
C ASN B 247 3.13 -24.53 20.21
N GLY B 248 2.31 -24.53 21.26
CA GLY B 248 1.37 -23.46 21.49
C GLY B 248 1.99 -22.39 22.37
N THR B 249 1.67 -21.14 22.05
CA THR B 249 2.12 -20.00 22.84
C THR B 249 0.87 -19.28 23.34
N PRO B 250 0.69 -19.16 24.66
CA PRO B 250 -0.53 -18.50 25.15
C PRO B 250 -0.63 -17.07 24.65
N TYR B 251 -1.86 -16.65 24.37
CA TYR B 251 -2.17 -15.31 23.92
C TYR B 251 -3.50 -14.89 24.51
N GLU B 252 -3.76 -13.59 24.51
CA GLU B 252 -4.99 -13.08 25.10
C GLU B 252 -6.00 -12.80 24.00
N ILE B 253 -7.26 -13.15 24.28
CA ILE B 253 -8.39 -12.77 23.42
C ILE B 253 -9.07 -11.58 24.09
N GLN B 254 -8.93 -10.40 23.50
CA GLN B 254 -9.62 -9.21 23.97
C GLN B 254 -11.08 -9.29 23.54
N ILE B 255 -12.00 -9.01 24.47
CA ILE B 255 -13.41 -9.10 24.16
C ILE B 255 -14.06 -7.73 24.39
N PRO B 256 -13.78 -6.76 23.55
CA PRO B 256 -14.26 -5.39 23.81
C PRO B 256 -15.75 -5.24 23.56
N GLY B 257 -16.29 -4.12 24.01
CA GLY B 257 -17.68 -3.79 23.81
C GLY B 257 -18.50 -3.97 25.08
N THR B 258 -19.78 -3.59 24.98
CA THR B 258 -20.76 -3.74 26.04
C THR B 258 -21.94 -4.52 25.48
N LEU B 259 -22.38 -5.50 26.25
CA LEU B 259 -23.58 -6.26 25.93
C LEU B 259 -24.72 -5.78 26.84
N ASP B 260 -25.80 -5.29 26.23
CA ASP B 260 -26.91 -4.82 27.05
C ASP B 260 -27.67 -5.99 27.67
N ILE B 261 -28.21 -5.76 28.87
CA ILE B 261 -29.01 -6.79 29.50
C ILE B 261 -30.13 -6.14 30.29
N SER B 262 -31.32 -6.69 30.15
CA SER B 262 -32.47 -6.35 30.97
C SER B 262 -33.16 -7.64 31.37
N GLY B 263 -33.76 -7.64 32.56
CA GLY B 263 -34.49 -8.81 33.03
C GLY B 263 -35.49 -8.41 34.08
N ARG B 264 -36.42 -9.33 34.35
CA ARG B 264 -37.44 -9.08 35.35
C ARG B 264 -38.04 -10.42 35.77
N GLY B 265 -38.54 -10.45 37.01
CA GLY B 265 -39.11 -11.66 37.55
C GLY B 265 -39.93 -11.38 38.78
N GLN B 266 -40.29 -12.44 39.50
CA GLN B 266 -41.12 -12.34 40.69
C GLN B 266 -40.61 -13.34 41.72
N ARG B 267 -40.03 -12.83 42.80
CA ARG B 267 -39.58 -13.68 43.89
C ARG B 267 -40.78 -14.14 44.71
N LEU B 268 -40.67 -15.33 45.29
CA LEU B 268 -41.72 -15.87 46.15
C LEU B 268 -41.15 -16.95 47.05
N ALA C 2 -30.81 -5.75 1.60
CA ALA C 2 -30.67 -5.60 0.16
C ALA C 2 -29.92 -6.78 -0.45
N THR C 3 -28.73 -6.51 -0.96
CA THR C 3 -27.88 -7.54 -1.56
C THR C 3 -26.73 -7.88 -0.63
N TYR C 4 -26.44 -9.17 -0.51
CA TYR C 4 -25.37 -9.69 0.33
C TYR C 4 -24.39 -10.47 -0.52
N LYS C 5 -23.13 -10.47 -0.08
CA LYS C 5 -22.08 -11.21 -0.77
C LYS C 5 -21.99 -12.62 -0.18
N ILE C 6 -21.78 -13.59 -1.07
CA ILE C 6 -21.61 -14.99 -0.70
C ILE C 6 -20.22 -15.42 -1.13
N LYS C 7 -19.46 -15.99 -0.21
CA LYS C 7 -18.14 -16.54 -0.52
C LYS C 7 -18.21 -18.05 -0.47
N ASP C 8 -18.00 -18.70 -1.61
CA ASP C 8 -17.87 -20.15 -1.63
C ASP C 8 -16.39 -20.51 -1.51
N LEU C 9 -16.03 -21.15 -0.39
CA LEU C 9 -14.66 -21.61 -0.17
C LEU C 9 -14.25 -22.67 -1.17
N THR C 10 -15.20 -23.29 -1.88
CA THR C 10 -14.89 -24.20 -2.96
C THR C 10 -14.44 -23.36 -4.15
N GLY C 11 -13.13 -23.28 -4.35
CA GLY C 11 -12.59 -22.45 -5.42
C GLY C 11 -12.47 -20.98 -5.09
N ASN C 12 -12.85 -20.55 -3.89
CA ASN C 12 -12.58 -19.19 -3.42
C ASN C 12 -13.26 -18.17 -4.33
N VAL C 13 -14.57 -18.34 -4.51
CA VAL C 13 -15.37 -17.50 -5.41
C VAL C 13 -16.39 -16.72 -4.60
N GLU C 14 -16.66 -15.48 -5.00
CA GLU C 14 -17.62 -14.63 -4.31
C GLU C 14 -18.62 -14.11 -5.31
N PHE C 15 -19.91 -14.17 -4.95
CA PHE C 15 -20.98 -13.71 -5.82
C PHE C 15 -22.03 -12.98 -5.01
N GLU C 16 -22.70 -12.03 -5.66
CA GLU C 16 -23.76 -11.26 -5.02
C GLU C 16 -25.08 -12.02 -5.03
N CYS C 17 -25.92 -11.71 -4.05
CA CYS C 17 -27.22 -12.38 -3.90
C CYS C 17 -28.11 -11.52 -3.01
N SER C 18 -29.20 -11.01 -3.58
CA SER C 18 -30.18 -10.26 -2.81
C SER C 18 -30.99 -11.21 -1.92
N ASP C 19 -31.78 -10.62 -1.02
CA ASP C 19 -32.54 -11.40 -0.04
C ASP C 19 -33.81 -12.03 -0.61
N ASP C 20 -34.11 -11.85 -1.89
CA ASP C 20 -35.22 -12.54 -2.52
C ASP C 20 -34.76 -13.56 -3.55
N THR C 21 -33.45 -13.81 -3.64
CA THR C 21 -32.92 -14.81 -4.55
C THR C 21 -32.31 -15.97 -3.75
N TYR C 22 -32.61 -17.19 -4.20
CA TYR C 22 -31.91 -18.35 -3.66
C TYR C 22 -30.42 -18.26 -3.97
N ILE C 23 -29.63 -18.83 -3.05
CA ILE C 23 -28.17 -18.74 -3.18
C ILE C 23 -27.70 -19.42 -4.47
N LEU C 24 -28.30 -20.57 -4.80
CA LEU C 24 -27.87 -21.32 -5.98
C LEU C 24 -28.12 -20.54 -7.26
N ASP C 25 -29.29 -19.91 -7.37
CA ASP C 25 -29.63 -19.16 -8.58
C ASP C 25 -28.68 -17.97 -8.74
N ALA C 26 -28.39 -17.26 -7.65
CA ALA C 26 -27.43 -16.17 -7.72
C ALA C 26 -26.07 -16.67 -8.19
N ALA C 27 -25.67 -17.86 -7.75
CA ALA C 27 -24.40 -18.43 -8.20
C ALA C 27 -24.41 -18.70 -9.70
N GLU C 28 -25.47 -19.37 -10.19
CA GLU C 28 -25.57 -19.64 -11.62
C GLU C 28 -25.65 -18.36 -12.43
N GLU C 29 -26.39 -17.37 -11.91
CA GLU C 29 -26.44 -16.05 -12.54
C GLU C 29 -25.04 -15.48 -12.77
N ALA C 30 -24.09 -15.80 -11.91
CA ALA C 30 -22.71 -15.39 -12.08
C ALA C 30 -21.87 -16.44 -12.80
N GLY C 31 -22.50 -17.44 -13.42
CA GLY C 31 -21.79 -18.41 -14.22
C GLY C 31 -21.18 -19.56 -13.46
N LEU C 32 -21.61 -19.79 -12.23
CA LEU C 32 -20.99 -20.79 -11.36
C LEU C 32 -21.74 -22.10 -11.44
N ASP C 33 -20.99 -23.21 -11.55
CA ASP C 33 -21.56 -24.55 -11.61
C ASP C 33 -21.48 -25.15 -10.21
N LEU C 34 -22.52 -24.90 -9.41
CA LEU C 34 -22.70 -25.51 -8.09
C LEU C 34 -23.45 -26.82 -8.22
N PRO C 35 -23.29 -27.75 -7.27
CA PRO C 35 -24.01 -29.02 -7.36
C PRO C 35 -25.50 -28.85 -7.05
N TYR C 36 -26.31 -29.69 -7.69
CA TYR C 36 -27.76 -29.80 -7.44
C TYR C 36 -28.29 -31.02 -8.16
N SER C 37 -29.35 -31.62 -7.59
CA SER C 37 -30.06 -32.71 -8.24
C SER C 37 -31.52 -32.28 -8.43
N CYS C 38 -32.34 -32.39 -7.38
CA CYS C 38 -33.64 -31.72 -7.37
C CYS C 38 -33.38 -30.22 -7.42
N ARG C 39 -34.41 -29.41 -7.25
CA ARG C 39 -34.17 -27.99 -7.03
C ARG C 39 -35.22 -27.41 -6.11
N ALA C 40 -35.67 -28.19 -5.14
CA ALA C 40 -36.88 -27.89 -4.40
C ALA C 40 -36.69 -28.07 -2.89
N GLY C 41 -35.44 -28.09 -2.42
CA GLY C 41 -35.16 -28.21 -1.00
C GLY C 41 -35.41 -29.58 -0.41
N SER C 42 -35.31 -30.65 -1.21
CA SER C 42 -35.70 -31.98 -0.77
C SER C 42 -34.62 -33.04 -0.97
N CYS C 43 -33.39 -32.64 -1.33
CA CYS C 43 -32.29 -33.58 -1.29
C CYS C 43 -31.08 -32.92 -0.63
N SER C 44 -29.90 -33.53 -0.73
CA SER C 44 -28.69 -32.96 -0.18
C SER C 44 -27.69 -32.57 -1.24
N SER C 45 -28.06 -32.68 -2.53
CA SER C 45 -27.09 -32.48 -3.60
C SER C 45 -26.51 -31.07 -3.61
N CYS C 46 -27.25 -30.08 -3.10
CA CYS C 46 -26.74 -28.72 -3.09
C CYS C 46 -26.24 -28.30 -1.71
N VAL C 47 -26.14 -29.23 -0.76
CA VAL C 47 -25.82 -28.87 0.62
C VAL C 47 -24.44 -28.21 0.69
N ALA C 48 -24.35 -27.13 1.45
CA ALA C 48 -23.09 -26.46 1.72
C ALA C 48 -22.96 -26.25 3.21
N LEU C 49 -21.71 -26.26 3.70
CA LEU C 49 -21.45 -25.84 5.07
C LEU C 49 -21.83 -24.37 5.24
N LEU C 50 -22.51 -24.06 6.32
CA LEU C 50 -22.81 -22.68 6.66
C LEU C 50 -21.75 -22.23 7.65
N ILE C 51 -20.64 -21.69 7.13
CA ILE C 51 -19.53 -21.27 7.98
C ILE C 51 -19.92 -20.05 8.81
N SER C 52 -20.48 -19.03 8.15
CA SER C 52 -20.88 -17.81 8.83
C SER C 52 -21.97 -17.13 8.03
N GLY C 53 -22.80 -16.39 8.73
CA GLY C 53 -23.90 -15.64 8.14
C GLY C 53 -25.24 -16.29 8.45
N SER C 54 -26.27 -15.46 8.36
CA SER C 54 -27.64 -15.91 8.53
C SER C 54 -28.25 -16.24 7.17
N VAL C 55 -29.02 -17.33 7.11
CA VAL C 55 -29.83 -17.67 5.95
C VAL C 55 -31.24 -17.99 6.43
N ASP C 56 -32.21 -17.64 5.59
CA ASP C 56 -33.59 -18.06 5.75
C ASP C 56 -33.83 -19.24 4.80
N GLN C 57 -33.91 -20.45 5.36
CA GLN C 57 -34.18 -21.66 4.59
C GLN C 57 -35.44 -22.37 5.08
N ARG C 58 -36.50 -21.59 5.35
CA ARG C 58 -37.80 -22.19 5.62
C ARG C 58 -38.25 -23.05 4.46
N ASP C 59 -37.83 -22.69 3.22
CA ASP C 59 -38.10 -23.51 2.04
C ASP C 59 -37.36 -24.84 2.07
N ALA C 60 -36.26 -24.92 2.80
CA ALA C 60 -35.55 -26.18 2.95
C ALA C 60 -36.39 -27.16 3.77
N SER C 61 -36.47 -28.41 3.30
CA SER C 61 -37.16 -29.46 4.03
C SER C 61 -36.28 -30.65 4.40
N PHE C 62 -35.13 -30.82 3.74
CA PHE C 62 -34.31 -32.02 3.90
C PHE C 62 -33.48 -32.00 5.20
N LEU C 63 -33.08 -30.83 5.69
CA LEU C 63 -32.29 -30.72 6.92
C LEU C 63 -33.21 -30.44 8.10
N ASP C 64 -32.88 -31.02 9.26
CA ASP C 64 -33.66 -30.79 10.47
C ASP C 64 -33.14 -29.55 11.19
N GLU C 65 -33.48 -29.38 12.47
CA GLU C 65 -33.13 -28.16 13.19
C GLU C 65 -31.64 -28.10 13.51
N GLU C 66 -31.03 -29.25 13.83
CA GLU C 66 -29.61 -29.25 14.16
C GLU C 66 -28.76 -28.99 12.92
N GLN C 67 -28.95 -29.79 11.87
CA GLN C 67 -28.15 -29.62 10.66
C GLN C 67 -28.27 -28.21 10.09
N GLN C 68 -29.41 -27.54 10.29
CA GLN C 68 -29.60 -26.18 9.77
C GLN C 68 -28.71 -25.17 10.47
N LYS C 69 -28.16 -25.51 11.65
CA LYS C 69 -27.18 -24.65 12.29
C LYS C 69 -25.84 -24.69 11.58
N TYR C 70 -25.53 -25.77 10.86
CA TYR C 70 -24.22 -25.95 10.25
C TYR C 70 -24.24 -26.04 8.73
N PHE C 71 -25.36 -26.40 8.11
CA PHE C 71 -25.46 -26.62 6.68
C PHE C 71 -26.61 -25.79 6.10
N VAL C 72 -26.62 -25.67 4.78
CA VAL C 72 -27.62 -24.86 4.08
C VAL C 72 -27.88 -25.48 2.70
N LEU C 73 -29.15 -25.62 2.33
CA LEU C 73 -29.49 -26.02 0.97
C LEU C 73 -29.51 -24.78 0.08
N THR C 74 -28.50 -24.65 -0.80
CA THR C 74 -28.31 -23.42 -1.56
C THR C 74 -29.48 -23.12 -2.51
N CYS C 75 -30.23 -24.15 -2.93
CA CYS C 75 -31.37 -23.92 -3.81
C CYS C 75 -32.61 -23.40 -3.08
N ALA C 76 -32.62 -23.46 -1.74
CA ALA C 76 -33.82 -23.18 -0.97
C ALA C 76 -33.60 -22.14 0.12
N ALA C 77 -32.51 -21.39 0.08
CA ALA C 77 -32.11 -20.50 1.17
C ALA C 77 -31.95 -19.07 0.67
N TYR C 78 -32.63 -18.13 1.33
CA TYR C 78 -32.31 -16.74 1.03
C TYR C 78 -31.35 -16.18 2.07
N PRO C 79 -30.41 -15.34 1.67
CA PRO C 79 -29.48 -14.75 2.66
C PRO C 79 -30.14 -13.65 3.48
N ASN C 80 -29.70 -13.54 4.74
CA ASN C 80 -30.01 -12.40 5.60
C ASN C 80 -28.78 -11.55 5.91
N SER C 81 -27.60 -11.98 5.50
CA SER C 81 -26.38 -11.20 5.64
C SER C 81 -25.37 -11.74 4.64
N ASN C 82 -24.18 -11.13 4.62
CA ASN C 82 -23.06 -11.73 3.91
C ASN C 82 -22.76 -13.11 4.49
N CYS C 83 -22.38 -14.04 3.62
CA CYS C 83 -22.25 -15.44 4.00
C CYS C 83 -20.95 -16.02 3.50
N VAL C 84 -20.43 -16.96 4.28
CA VAL C 84 -19.38 -17.87 3.85
C VAL C 84 -19.94 -19.29 3.91
N ILE C 85 -19.74 -20.04 2.82
CA ILE C 85 -20.23 -21.41 2.67
C ILE C 85 -19.14 -22.20 1.96
N LYS C 86 -19.25 -23.52 2.05
CA LYS C 86 -18.37 -24.44 1.34
C LYS C 86 -19.27 -25.46 0.64
N THR C 87 -19.48 -25.27 -0.66
CA THR C 87 -20.35 -26.17 -1.40
C THR C 87 -19.65 -27.51 -1.64
N GLY C 88 -20.47 -28.52 -1.93
CA GLY C 88 -19.94 -29.83 -2.26
C GLY C 88 -19.49 -30.66 -1.06
N VAL C 89 -20.21 -30.56 0.05
CA VAL C 89 -19.79 -31.23 1.28
C VAL C 89 -20.84 -32.27 1.66
N GLU C 90 -21.33 -33.00 0.65
CA GLU C 90 -22.41 -33.97 0.88
C GLU C 90 -22.00 -35.05 1.88
N GLU C 91 -20.78 -35.59 1.73
CA GLU C 91 -20.31 -36.63 2.65
C GLU C 91 -20.29 -36.16 4.10
N MET C 92 -20.08 -34.87 4.31
CA MET C 92 -20.03 -34.31 5.66
C MET C 92 -21.38 -34.38 6.33
N LEU C 93 -22.43 -33.91 5.63
CA LEU C 93 -23.76 -33.84 6.22
C LEU C 93 -24.21 -35.20 6.76
N LEU C 94 -23.98 -36.25 5.99
CA LEU C 94 -24.40 -37.59 6.40
C LEU C 94 -23.65 -38.04 7.65
N GLY C 95 -22.32 -37.87 7.66
CA GLY C 95 -21.51 -38.27 8.78
C GLY C 95 -21.42 -37.28 9.91
N TYR C 96 -22.09 -36.12 9.80
CA TYR C 96 -21.97 -35.09 10.82
C TYR C 96 -22.49 -35.58 12.15
N ASP C 97 -21.73 -35.30 13.22
CA ASP C 97 -22.09 -35.68 14.57
C ASP C 97 -22.08 -34.47 15.50
N SER C 98 -20.96 -33.76 15.57
CA SER C 98 -20.79 -32.65 16.48
C SER C 98 -19.82 -31.63 15.87
N TYR C 99 -19.75 -30.45 16.48
CA TYR C 99 -18.71 -29.51 16.06
C TYR C 99 -17.34 -30.14 16.23
N ARG C 100 -17.11 -30.77 17.38
CA ARG C 100 -15.86 -31.47 17.66
C ARG C 100 -15.46 -32.38 16.49
N ASP C 101 -16.40 -33.19 16.01
CA ASP C 101 -16.01 -34.15 15.00
C ASP C 101 -15.78 -33.51 13.63
N MET C 102 -16.21 -32.27 13.41
CA MET C 102 -15.87 -31.60 12.17
C MET C 102 -14.76 -30.55 12.32
N SER C 103 -14.20 -30.39 13.52
CA SER C 103 -13.28 -29.27 13.73
C SER C 103 -11.96 -29.47 12.96
N GLU C 104 -11.48 -30.70 12.84
CA GLU C 104 -10.26 -30.92 12.07
C GLU C 104 -10.48 -30.52 10.62
N TYR C 105 -11.61 -30.93 10.03
CA TYR C 105 -11.94 -30.53 8.66
C TYR C 105 -11.99 -29.02 8.53
N LEU C 106 -12.62 -28.34 9.50
CA LEU C 106 -12.70 -26.89 9.48
C LEU C 106 -11.33 -26.23 9.62
N PHE C 107 -10.46 -26.77 10.51
CA PHE C 107 -9.11 -26.24 10.64
C PHE C 107 -8.39 -26.30 9.30
N GLY C 108 -8.64 -27.36 8.53
CA GLY C 108 -8.06 -27.53 7.20
C GLY C 108 -8.60 -26.57 6.15
N LEU C 109 -9.75 -25.94 6.41
CA LEU C 109 -10.28 -24.94 5.47
C LEU C 109 -9.63 -23.57 5.66
N LEU C 110 -8.97 -23.34 6.80
CA LEU C 110 -8.43 -22.01 7.10
C LEU C 110 -7.41 -21.57 6.07
N GLY C 111 -6.50 -22.46 5.69
CA GLY C 111 -5.50 -22.09 4.70
C GLY C 111 -6.13 -21.55 3.43
N GLY C 112 -7.16 -22.24 2.94
CA GLY C 112 -7.82 -21.78 1.72
C GLY C 112 -8.67 -20.55 1.92
N ASN C 113 -9.13 -20.30 3.16
CA ASN C 113 -9.88 -19.09 3.41
C ASN C 113 -9.00 -17.84 3.55
N ASP C 114 -7.72 -18.00 3.89
CA ASP C 114 -6.83 -16.86 3.90
C ASP C 114 -6.68 -16.27 2.49
N SER C 115 -6.02 -15.13 2.42
CA SER C 115 -5.67 -14.57 1.12
C SER C 115 -4.82 -15.56 0.33
N PRO C 116 -5.11 -15.80 -0.94
CA PRO C 116 -4.24 -16.65 -1.77
C PRO C 116 -2.82 -16.12 -1.93
N GLU C 117 -2.58 -14.82 -1.72
CA GLU C 117 -1.25 -14.28 -1.96
C GLU C 117 -0.29 -14.78 -0.89
N LEU C 118 0.84 -15.34 -1.31
CA LEU C 118 1.83 -15.77 -0.35
C LEU C 118 2.39 -14.56 0.42
N LEU C 119 2.70 -14.78 1.69
CA LEU C 119 3.47 -13.79 2.45
C LEU C 119 4.78 -13.49 1.71
N ASP C 120 5.27 -12.28 1.88
CA ASP C 120 6.47 -11.86 1.15
C ASP C 120 7.70 -11.94 2.05
N GLY C 121 8.85 -11.68 1.43
CA GLY C 121 10.09 -11.62 2.18
C GLY C 121 10.50 -12.98 2.69
N LEU C 122 11.01 -12.99 3.92
CA LEU C 122 11.49 -14.21 4.53
C LEU C 122 10.37 -15.17 4.90
N PHE C 123 9.12 -14.70 4.95
CA PHE C 123 8.02 -15.60 5.27
C PHE C 123 7.63 -16.47 4.07
N THR C 124 7.90 -16.03 2.82
CA THR C 124 7.39 -16.75 1.65
C THR C 124 7.71 -18.24 1.65
N PRO C 125 8.96 -18.68 1.90
CA PRO C 125 9.21 -20.12 1.83
C PRO C 125 8.57 -20.91 2.96
N VAL C 126 8.48 -20.35 4.17
CA VAL C 126 7.86 -21.12 5.24
C VAL C 126 6.35 -20.99 5.19
N ASP C 127 5.83 -19.88 4.65
CA ASP C 127 4.40 -19.83 4.35
C ASP C 127 4.04 -20.92 3.35
N ALA C 128 4.85 -21.06 2.28
CA ALA C 128 4.62 -22.14 1.33
C ALA C 128 4.64 -23.50 2.01
N PHE C 129 5.62 -23.74 2.90
CA PHE C 129 5.69 -25.04 3.57
C PHE C 129 4.50 -25.24 4.52
N ARG C 130 4.08 -24.19 5.24
CA ARG C 130 2.93 -24.33 6.13
C ARG C 130 1.65 -24.66 5.37
N HIS C 131 1.44 -23.98 4.24
CA HIS C 131 0.27 -24.26 3.42
C HIS C 131 0.35 -25.68 2.86
N TYR C 132 1.55 -26.18 2.59
CA TYR C 132 1.69 -27.57 2.20
C TYR C 132 1.15 -28.49 3.30
N LEU C 133 1.46 -28.17 4.56
CA LEU C 133 1.08 -29.03 5.68
C LEU C 133 -0.39 -28.95 5.99
N PHE C 134 -0.99 -27.75 5.93
CA PHE C 134 -2.34 -27.57 6.45
C PHE C 134 -3.33 -27.00 5.46
N GLY C 135 -2.93 -26.72 4.21
CA GLY C 135 -3.79 -26.02 3.28
C GLY C 135 -4.71 -26.86 2.42
N ASN C 136 -4.50 -28.19 2.40
CA ASN C 136 -5.34 -29.12 1.66
C ASN C 136 -5.53 -28.77 0.17
N GLY C 137 -4.48 -28.23 -0.44
CA GLY C 137 -4.43 -28.19 -1.88
C GLY C 137 -4.99 -26.97 -2.56
N THR C 138 -5.41 -25.93 -1.83
CA THR C 138 -5.88 -24.73 -2.51
C THR C 138 -4.69 -23.91 -3.05
N ASN C 139 -4.93 -23.17 -4.12
CA ASN C 139 -3.82 -22.54 -4.81
C ASN C 139 -3.35 -21.29 -4.09
N LYS C 140 -2.05 -21.03 -4.19
CA LYS C 140 -1.47 -19.76 -3.73
C LYS C 140 -0.92 -19.02 -4.93
N SER C 141 -0.53 -17.77 -4.71
CA SER C 141 -0.11 -16.92 -5.82
C SER C 141 1.00 -15.99 -5.39
N ILE C 142 1.89 -15.67 -6.32
CA ILE C 142 2.86 -14.59 -6.13
C ILE C 142 3.26 -14.06 -7.50
N ASN C 143 3.16 -12.74 -7.66
CA ASN C 143 3.44 -12.13 -8.95
C ASN C 143 4.88 -12.38 -9.37
N ILE C 144 5.10 -12.64 -10.66
CA ILE C 144 6.46 -12.88 -11.16
C ILE C 144 7.39 -11.73 -10.81
N ASN C 145 6.86 -10.50 -10.71
CA ASN C 145 7.68 -9.35 -10.33
C ASN C 145 8.02 -9.31 -8.85
N ASP C 146 7.36 -10.11 -8.01
CA ASP C 146 7.63 -10.15 -6.60
C ASP C 146 8.47 -11.35 -6.19
N VAL C 147 8.77 -12.26 -7.14
CA VAL C 147 9.50 -13.46 -6.80
C VAL C 147 10.95 -13.14 -6.47
N GLY C 148 11.52 -12.12 -7.10
CA GLY C 148 12.91 -11.79 -6.91
C GLY C 148 13.83 -12.47 -7.91
N LEU C 149 13.41 -12.54 -9.18
CA LEU C 149 14.24 -13.12 -10.22
C LEU C 149 15.13 -12.07 -10.84
N SER C 150 16.38 -12.47 -11.18
CA SER C 150 17.37 -11.63 -11.88
C SER C 150 17.81 -12.42 -13.12
N ILE C 151 17.05 -12.33 -14.20
CA ILE C 151 17.29 -13.17 -15.38
C ILE C 151 18.08 -12.36 -16.39
N ASP C 152 19.27 -12.84 -16.71
CA ASP C 152 20.06 -12.29 -17.79
C ASP C 152 19.84 -13.12 -19.05
N VAL C 153 19.85 -12.46 -20.22
CA VAL C 153 19.62 -13.17 -21.48
C VAL C 153 20.61 -14.32 -21.65
N SER C 154 21.85 -14.14 -21.17
CA SER C 154 22.82 -15.20 -21.32
C SER C 154 22.48 -16.45 -20.52
N GLN C 155 21.51 -16.36 -19.60
CA GLN C 155 21.01 -17.52 -18.85
C GLN C 155 19.80 -18.17 -19.51
N ILE C 156 19.41 -17.73 -20.70
CA ILE C 156 18.24 -18.27 -21.40
C ILE C 156 18.68 -19.20 -22.54
N PRO C 157 18.68 -20.51 -22.33
CA PRO C 157 19.30 -21.42 -23.32
C PRO C 157 18.72 -21.29 -24.72
N PRO C 158 17.40 -21.15 -24.91
CA PRO C 158 16.90 -21.14 -26.29
C PRO C 158 17.27 -19.89 -27.09
N ILE C 159 17.69 -18.81 -26.44
CA ILE C 159 18.25 -17.66 -27.15
C ILE C 159 19.75 -17.83 -27.38
N MET C 160 20.49 -18.20 -26.32
CA MET C 160 21.91 -18.47 -26.52
C MET C 160 22.13 -19.60 -27.51
N ASN C 161 21.18 -20.55 -27.61
CA ASN C 161 21.27 -21.61 -28.61
C ASN C 161 21.35 -21.05 -30.02
N ILE C 162 20.63 -19.96 -30.29
CA ILE C 162 20.65 -19.35 -31.62
C ILE C 162 21.96 -18.57 -31.81
N ILE C 163 22.31 -17.75 -30.81
CA ILE C 163 23.53 -16.95 -30.89
C ILE C 163 24.75 -17.83 -31.11
N ASN C 164 24.87 -18.90 -30.32
CA ASN C 164 26.10 -19.69 -30.30
C ASN C 164 26.26 -20.61 -31.50
N GLN C 165 25.22 -20.80 -32.32
CA GLN C 165 25.33 -21.52 -33.58
C GLN C 165 25.75 -20.61 -34.73
N GLY C 166 26.03 -19.33 -34.44
CA GLY C 166 26.51 -18.36 -35.40
C GLY C 166 25.47 -17.76 -36.33
N PHE C 167 24.18 -17.90 -36.03
CA PHE C 167 23.20 -17.40 -36.97
C PHE C 167 23.22 -15.87 -37.02
N ILE C 168 22.70 -15.34 -38.12
CA ILE C 168 22.61 -13.89 -38.34
C ILE C 168 21.20 -13.60 -38.81
N GLY C 169 20.59 -12.55 -38.25
CA GLY C 169 19.28 -12.17 -38.73
C GLY C 169 18.31 -11.73 -37.65
N ARG C 170 17.02 -12.00 -37.87
CA ARG C 170 15.96 -11.50 -37.00
C ARG C 170 15.04 -12.67 -36.66
N PHE C 171 14.90 -12.96 -35.36
CA PHE C 171 14.26 -14.18 -34.90
C PHE C 171 13.14 -13.87 -33.91
N ASP C 172 11.97 -14.45 -34.18
CA ASP C 172 10.81 -14.34 -33.30
C ASP C 172 10.89 -15.44 -32.25
N ILE C 173 11.16 -15.06 -31.03
CA ILE C 173 11.38 -16.02 -29.96
C ILE C 173 10.05 -16.31 -29.29
N SER C 174 9.78 -17.60 -29.07
CA SER C 174 8.63 -18.01 -28.26
C SER C 174 8.94 -19.39 -27.69
N SER C 175 9.60 -19.40 -26.53
CA SER C 175 10.17 -20.63 -25.99
C SER C 175 9.97 -20.73 -24.48
N ASP C 176 9.64 -21.95 -24.04
CA ASP C 176 9.80 -22.29 -22.63
C ASP C 176 11.28 -22.47 -22.30
N PHE C 177 11.63 -22.27 -21.03
CA PHE C 177 12.93 -22.67 -20.53
C PHE C 177 12.83 -22.90 -19.03
N ASN C 178 13.71 -23.76 -18.51
CA ASN C 178 13.78 -24.03 -17.08
C ASN C 178 14.66 -23.01 -16.39
N ARG C 179 14.17 -22.52 -15.24
CA ARG C 179 14.89 -21.54 -14.42
C ARG C 179 15.12 -22.16 -13.05
N ASN C 180 16.38 -22.45 -12.75
CA ASN C 180 16.79 -22.89 -11.41
C ASN C 180 16.95 -21.64 -10.57
N THR C 181 15.99 -21.36 -9.68
CA THR C 181 15.99 -20.11 -8.95
C THR C 181 17.10 -20.01 -7.91
N VAL C 182 17.97 -21.00 -7.80
CA VAL C 182 19.22 -20.82 -7.06
C VAL C 182 20.00 -19.66 -7.65
N LEU C 183 19.91 -19.46 -8.96
CA LEU C 183 20.54 -18.31 -9.62
C LEU C 183 19.98 -16.98 -9.17
N ASP C 184 18.83 -16.97 -8.49
CA ASP C 184 18.14 -15.72 -8.20
C ASP C 184 18.25 -15.28 -6.74
N GLY C 185 18.22 -16.20 -5.79
CA GLY C 185 18.28 -15.84 -4.39
C GLY C 185 17.80 -16.98 -3.53
N ILE C 186 18.10 -16.89 -2.23
CA ILE C 186 17.80 -18.01 -1.35
C ILE C 186 16.29 -18.12 -1.11
N ILE C 187 15.57 -17.01 -1.17
CA ILE C 187 14.12 -17.06 -0.93
C ILE C 187 13.45 -17.88 -2.03
N PRO C 188 13.49 -17.50 -3.32
CA PRO C 188 12.83 -18.33 -4.33
C PRO C 188 13.36 -19.74 -4.39
N ALA C 189 14.65 -19.93 -4.08
CA ALA C 189 15.24 -21.26 -4.15
C ALA C 189 14.75 -22.19 -3.04
N SER C 190 14.15 -21.65 -1.98
CA SER C 190 13.72 -22.43 -0.83
C SER C 190 12.25 -22.83 -0.88
N TYR C 191 11.52 -22.46 -1.94
CA TYR C 191 10.16 -22.98 -2.09
C TYR C 191 9.79 -23.21 -3.56
N LEU C 192 10.47 -22.53 -4.49
CA LEU C 192 10.17 -22.74 -5.91
C LEU C 192 11.16 -23.69 -6.58
N GLY C 193 12.45 -23.61 -6.25
CA GLY C 193 13.40 -24.51 -6.90
C GLY C 193 13.43 -24.24 -8.39
N ASN C 194 13.33 -25.29 -9.20
CA ASN C 194 13.22 -25.15 -10.65
C ASN C 194 11.79 -24.78 -11.04
N ILE C 195 11.67 -23.81 -11.94
CA ILE C 195 10.38 -23.36 -12.47
C ILE C 195 10.47 -23.24 -13.98
N THR C 196 9.34 -23.40 -14.63
CA THR C 196 9.26 -23.33 -16.09
C THR C 196 8.77 -21.94 -16.47
N LEU C 197 9.58 -21.23 -17.23
CA LEU C 197 9.27 -19.89 -17.70
C LEU C 197 9.06 -19.92 -19.21
N LYS C 198 8.47 -18.85 -19.73
CA LYS C 198 8.28 -18.71 -21.17
C LYS C 198 8.70 -17.30 -21.54
N THR C 199 9.51 -17.19 -22.59
CA THR C 199 9.87 -15.88 -23.07
C THR C 199 9.40 -15.72 -24.52
N GLU C 200 8.91 -14.52 -24.80
CA GLU C 200 8.45 -14.12 -26.12
C GLU C 200 9.07 -12.75 -26.43
N GLY C 201 9.66 -12.62 -27.62
CA GLY C 201 10.32 -11.38 -27.96
C GLY C 201 11.05 -11.54 -29.28
N VAL C 202 11.97 -10.60 -29.54
CA VAL C 202 12.72 -10.54 -30.78
C VAL C 202 14.21 -10.56 -30.48
N LEU C 203 14.91 -11.52 -31.07
CA LEU C 203 16.35 -11.59 -31.03
C LEU C 203 16.88 -11.10 -32.37
N SER C 204 17.76 -10.11 -32.34
CA SER C 204 18.41 -9.60 -33.55
C SER C 204 19.90 -9.86 -33.42
N ILE C 205 20.51 -10.38 -34.50
CA ILE C 205 21.94 -10.65 -34.54
C ILE C 205 22.52 -10.06 -35.84
N SER C 206 23.51 -9.20 -35.70
CA SER C 206 24.10 -8.51 -36.85
C SER C 206 25.09 -9.42 -37.59
N PRO C 207 25.42 -9.07 -38.84
CA PRO C 207 26.48 -9.82 -39.55
C PRO C 207 27.74 -10.05 -38.71
N ASP C 208 28.12 -9.09 -37.86
CA ASP C 208 29.34 -9.19 -37.09
C ASP C 208 29.13 -9.74 -35.68
N GLY C 209 27.94 -10.29 -35.39
CA GLY C 209 27.71 -10.99 -34.15
C GLY C 209 27.25 -10.15 -32.98
N ALA C 210 26.93 -8.87 -33.21
CA ALA C 210 26.29 -8.08 -32.17
C ALA C 210 24.82 -8.46 -32.10
N TRP C 211 24.33 -8.78 -30.90
CA TRP C 211 22.95 -9.21 -30.74
C TRP C 211 22.22 -8.36 -29.71
N SER C 212 20.90 -8.29 -29.86
CA SER C 212 20.07 -7.71 -28.82
C SER C 212 18.81 -8.57 -28.70
N TYR C 213 18.24 -8.59 -27.50
CA TYR C 213 16.98 -9.28 -27.26
C TYR C 213 16.08 -8.37 -26.46
N ASN C 214 14.82 -8.25 -26.90
CA ASN C 214 13.79 -7.48 -26.24
C ASN C 214 12.51 -8.31 -26.17
N GLY C 215 11.96 -8.49 -24.98
CA GLY C 215 10.72 -9.23 -24.86
C GLY C 215 10.22 -9.29 -23.43
N GLY C 216 9.41 -10.31 -23.15
CA GLY C 216 8.86 -10.49 -21.83
C GLY C 216 9.00 -11.93 -21.39
N ILE C 217 8.83 -12.14 -20.08
CA ILE C 217 8.89 -13.45 -19.47
C ILE C 217 7.63 -13.64 -18.65
N ARG C 218 7.01 -14.82 -18.79
CA ARG C 218 5.90 -15.22 -17.95
C ARG C 218 6.22 -16.59 -17.36
N ALA C 219 5.45 -16.95 -16.34
CA ALA C 219 5.72 -18.15 -15.58
C ALA C 219 4.50 -19.06 -15.60
N TYR C 220 4.73 -20.35 -15.80
CA TYR C 220 3.65 -21.31 -15.63
C TYR C 220 3.36 -21.48 -14.14
N ASN C 221 2.18 -21.97 -13.82
CA ASN C 221 1.93 -22.35 -12.43
C ASN C 221 2.94 -23.40 -12.02
N ASP C 222 3.47 -23.29 -10.81
CA ASP C 222 4.46 -24.24 -10.31
C ASP C 222 3.83 -25.14 -9.26
N LEU C 223 3.99 -26.45 -9.42
CA LEU C 223 3.43 -27.41 -8.48
C LEU C 223 4.32 -27.50 -7.24
N TYR C 224 3.76 -27.17 -6.08
CA TYR C 224 4.50 -27.31 -4.83
C TYR C 224 4.32 -28.75 -4.36
N ASP C 225 5.26 -29.64 -4.68
CA ASP C 225 5.15 -31.03 -4.24
C ASP C 225 6.52 -31.68 -4.05
N ALA C 226 7.46 -30.94 -3.45
CA ALA C 226 8.79 -31.48 -3.24
C ALA C 226 8.74 -32.71 -2.32
N ASN C 227 9.68 -33.63 -2.52
CA ASN C 227 9.84 -34.75 -1.61
C ASN C 227 10.60 -34.32 -0.34
N PRO C 228 10.56 -35.16 0.71
CA PRO C 228 11.25 -34.77 1.96
C PRO C 228 12.73 -34.49 1.80
N SER C 229 13.42 -35.23 0.92
CA SER C 229 14.84 -34.95 0.69
C SER C 229 15.03 -33.51 0.20
N THR C 230 14.15 -33.04 -0.69
CA THR C 230 14.27 -31.67 -1.19
C THR C 230 13.91 -30.65 -0.10
N HIS C 231 12.87 -30.94 0.69
CA HIS C 231 12.56 -30.07 1.84
C HIS C 231 13.75 -29.98 2.79
N ARG C 232 14.45 -31.10 3.01
CA ARG C 232 15.62 -31.07 3.87
C ARG C 232 16.73 -30.18 3.29
N ASP C 233 16.96 -30.26 1.98
CA ASP C 233 17.94 -29.39 1.33
C ASP C 233 17.57 -27.93 1.46
N ARG C 234 16.28 -27.61 1.26
CA ARG C 234 15.86 -26.21 1.22
C ARG C 234 15.64 -25.64 2.63
N LEU C 235 15.10 -26.43 3.55
CA LEU C 235 14.73 -25.92 4.87
C LEU C 235 15.53 -26.51 6.03
N GLY C 236 16.11 -27.69 5.88
CA GLY C 236 16.84 -28.33 6.97
C GLY C 236 16.11 -29.55 7.49
N GLU C 237 16.80 -30.28 8.35
CA GLU C 237 16.24 -31.54 8.81
C GLU C 237 15.13 -31.37 9.81
N TRP C 238 14.91 -30.17 10.35
CA TRP C 238 13.68 -29.97 11.12
C TRP C 238 12.46 -30.25 10.26
N SER C 239 12.54 -29.96 8.95
CA SER C 239 11.40 -30.24 8.08
C SER C 239 11.17 -31.75 7.96
N THR C 240 12.24 -32.54 8.02
CA THR C 240 12.13 -34.00 7.97
C THR C 240 11.44 -34.53 9.22
N GLY C 241 11.75 -33.96 10.38
CA GLY C 241 11.06 -34.36 11.61
C GLY C 241 9.57 -34.04 11.56
N VAL C 242 9.20 -32.92 10.93
CA VAL C 242 7.79 -32.59 10.78
C VAL C 242 7.12 -33.54 9.80
N LEU C 243 7.71 -33.72 8.60
CA LEU C 243 7.09 -34.57 7.58
C LEU C 243 7.03 -36.04 7.99
N ASP C 244 7.86 -36.48 8.93
CA ASP C 244 7.72 -37.83 9.46
C ASP C 244 6.38 -38.05 10.18
N LYS C 245 5.76 -36.98 10.68
CA LYS C 245 4.48 -37.09 11.35
C LYS C 245 3.32 -36.45 10.61
N PHE C 246 3.56 -35.54 9.66
CA PHE C 246 2.49 -34.82 8.97
C PHE C 246 2.72 -34.88 7.48
N ASN C 247 1.72 -35.33 6.74
CA ASN C 247 1.78 -35.38 5.28
C ASN C 247 1.39 -34.04 4.66
N GLY C 248 2.16 -33.62 3.64
CA GLY C 248 1.78 -32.44 2.85
C GLY C 248 0.73 -32.76 1.79
N THR C 249 0.06 -31.72 1.31
CA THR C 249 -0.88 -31.85 0.20
C THR C 249 -0.43 -30.93 -0.92
N PRO C 250 -0.05 -31.46 -2.09
CA PRO C 250 0.46 -30.59 -3.15
C PRO C 250 -0.59 -29.56 -3.58
N TYR C 251 -0.11 -28.44 -4.09
CA TYR C 251 -0.95 -27.34 -4.53
C TYR C 251 -0.16 -26.50 -5.53
N GLU C 252 -0.88 -25.71 -6.30
CA GLU C 252 -0.26 -24.89 -7.33
C GLU C 252 0.05 -23.51 -6.80
N ILE C 253 1.23 -23.02 -7.12
CA ILE C 253 1.58 -21.63 -6.91
C ILE C 253 1.46 -20.94 -8.26
N GLN C 254 0.44 -20.10 -8.39
CA GLN C 254 0.25 -19.29 -9.59
C GLN C 254 1.25 -18.15 -9.56
N ILE C 255 1.84 -17.87 -10.72
CA ILE C 255 2.85 -16.81 -10.79
C ILE C 255 2.46 -15.84 -11.90
N PRO C 256 1.50 -14.97 -11.65
CA PRO C 256 0.95 -14.11 -12.71
C PRO C 256 1.88 -12.94 -13.03
N GLY C 257 1.54 -12.24 -14.11
CA GLY C 257 2.26 -11.06 -14.52
C GLY C 257 3.32 -11.36 -15.57
N THR C 258 3.91 -10.27 -16.08
CA THR C 258 4.97 -10.34 -17.08
C THR C 258 6.21 -9.64 -16.55
N LEU C 259 7.36 -10.26 -16.78
CA LEU C 259 8.66 -9.71 -16.46
C LEU C 259 9.28 -9.18 -17.76
N ASP C 260 9.60 -7.88 -17.80
CA ASP C 260 10.26 -7.37 -19.00
C ASP C 260 11.72 -7.75 -18.98
N ILE C 261 12.26 -8.05 -20.18
CA ILE C 261 13.62 -8.51 -20.33
C ILE C 261 14.23 -7.80 -21.53
N SER C 262 15.43 -7.28 -21.35
CA SER C 262 16.26 -6.70 -22.39
C SER C 262 17.68 -7.14 -22.14
N GLY C 263 18.45 -7.25 -23.22
CA GLY C 263 19.83 -7.62 -23.08
C GLY C 263 20.55 -7.41 -24.40
N ARG C 264 21.87 -7.23 -24.33
CA ARG C 264 22.69 -7.03 -25.52
C ARG C 264 24.02 -7.71 -25.30
N GLY C 265 24.65 -8.13 -26.39
CA GLY C 265 25.98 -8.69 -26.29
C GLY C 265 26.66 -8.74 -27.64
N GLN C 266 27.89 -9.25 -27.62
CA GLN C 266 28.71 -9.39 -28.80
C GLN C 266 29.20 -10.83 -28.84
N ARG C 267 28.82 -11.55 -29.90
CA ARG C 267 29.25 -12.94 -30.03
C ARG C 267 30.76 -13.00 -30.28
N LEU C 268 31.43 -13.92 -29.57
CA LEU C 268 32.84 -14.25 -29.77
C LEU C 268 33.75 -13.04 -29.91
N ALA D 2 25.74 14.25 16.84
CA ALA D 2 25.25 13.37 15.80
C ALA D 2 25.56 13.93 14.42
N THR D 3 25.32 13.13 13.40
CA THR D 3 25.54 13.54 12.01
C THR D 3 24.24 13.42 11.24
N TYR D 4 23.89 14.47 10.48
CA TYR D 4 22.58 14.59 9.85
C TYR D 4 22.71 14.79 8.35
N LYS D 5 21.56 14.76 7.68
CA LYS D 5 21.46 14.94 6.25
C LYS D 5 20.91 16.32 5.93
N ILE D 6 21.52 16.97 4.94
CA ILE D 6 21.11 18.30 4.46
C ILE D 6 20.71 18.15 3.01
N LYS D 7 19.51 18.62 2.65
CA LYS D 7 19.03 18.60 1.27
C LYS D 7 18.89 20.04 0.78
N ASP D 8 19.70 20.41 -0.21
CA ASP D 8 19.59 21.72 -0.83
C ASP D 8 18.72 21.61 -2.07
N LEU D 9 17.55 22.25 -2.03
CA LEU D 9 16.64 22.30 -3.17
C LEU D 9 17.28 22.91 -4.41
N THR D 10 18.42 23.58 -4.28
CA THR D 10 19.15 24.03 -5.46
C THR D 10 19.91 22.83 -6.01
N GLY D 11 19.32 22.18 -7.02
CA GLY D 11 19.85 20.97 -7.59
C GLY D 11 19.42 19.69 -6.91
N ASN D 12 18.64 19.77 -5.83
CA ASN D 12 18.21 18.59 -5.08
C ASN D 12 19.40 17.74 -4.62
N VAL D 13 20.49 18.40 -4.21
CA VAL D 13 21.69 17.70 -3.74
C VAL D 13 21.58 17.46 -2.24
N GLU D 14 22.06 16.29 -1.80
CA GLU D 14 22.04 15.88 -0.41
C GLU D 14 23.46 15.66 0.09
N PHE D 15 23.71 15.96 1.36
CA PHE D 15 25.05 15.79 1.93
C PHE D 15 24.96 15.68 3.45
N GLU D 16 26.02 15.13 4.04
CA GLU D 16 26.07 14.92 5.48
C GLU D 16 26.63 16.15 6.18
N CYS D 17 26.26 16.28 7.46
CA CYS D 17 26.72 17.40 8.28
C CYS D 17 26.55 17.00 9.74
N SER D 18 27.67 16.88 10.46
CA SER D 18 27.59 16.59 11.89
C SER D 18 27.12 17.82 12.65
N ASP D 19 26.61 17.58 13.86
CA ASP D 19 26.10 18.65 14.72
C ASP D 19 27.18 19.63 15.16
N ASP D 20 28.45 19.35 14.87
CA ASP D 20 29.54 20.28 15.17
C ASP D 20 30.23 20.79 13.90
N THR D 21 29.56 20.74 12.76
CA THR D 21 30.04 21.31 11.51
C THR D 21 29.00 22.30 11.01
N TYR D 22 29.46 23.47 10.56
CA TYR D 22 28.57 24.41 9.91
C TYR D 22 28.04 23.79 8.62
N ILE D 23 26.81 24.13 8.26
CA ILE D 23 26.21 23.61 7.03
C ILE D 23 27.11 23.91 5.83
N LEU D 24 27.62 25.15 5.74
CA LEU D 24 28.38 25.54 4.57
C LEU D 24 29.65 24.71 4.42
N ASP D 25 30.37 24.49 5.51
CA ASP D 25 31.61 23.73 5.44
C ASP D 25 31.34 22.28 5.05
N ALA D 26 30.30 21.67 5.62
CA ALA D 26 29.98 20.28 5.28
C ALA D 26 29.62 20.14 3.81
N ALA D 27 29.04 21.19 3.22
CA ALA D 27 28.67 21.15 1.82
C ALA D 27 29.90 21.19 0.92
N GLU D 28 30.88 22.05 1.27
CA GLU D 28 32.09 22.15 0.46
C GLU D 28 32.93 20.88 0.59
N GLU D 29 32.99 20.30 1.78
CA GLU D 29 33.71 19.05 2.02
C GLU D 29 33.11 17.86 1.27
N ALA D 30 31.93 18.02 0.65
CA ALA D 30 31.33 16.98 -0.18
C ALA D 30 31.27 17.40 -1.64
N GLY D 31 32.02 18.44 -2.01
CA GLY D 31 32.15 18.85 -3.39
C GLY D 31 31.22 19.96 -3.82
N LEU D 32 30.28 20.38 -2.98
CA LEU D 32 29.32 21.37 -3.44
C LEU D 32 29.92 22.77 -3.40
N ASP D 33 29.26 23.69 -4.07
CA ASP D 33 29.75 25.06 -4.20
C ASP D 33 28.59 26.02 -3.94
N LEU D 34 28.28 26.22 -2.66
CA LEU D 34 27.26 27.19 -2.28
C LEU D 34 27.90 28.57 -2.12
N PRO D 35 27.09 29.63 -2.23
CA PRO D 35 27.65 30.98 -2.12
C PRO D 35 28.07 31.31 -0.70
N TYR D 36 28.97 32.29 -0.62
CA TYR D 36 29.52 32.81 0.62
C TYR D 36 30.35 34.04 0.26
N SER D 37 30.61 34.87 1.26
CA SER D 37 31.59 35.93 1.11
C SER D 37 32.30 36.12 2.45
N CYS D 38 31.61 36.71 3.42
CA CYS D 38 32.22 36.93 4.73
C CYS D 38 32.57 35.62 5.43
N ARG D 39 31.68 34.62 5.37
CA ARG D 39 31.83 33.36 6.09
C ARG D 39 31.93 33.57 7.61
N ALA D 40 31.37 34.68 8.10
CA ALA D 40 31.48 35.00 9.52
C ALA D 40 30.15 35.50 10.08
N GLY D 41 29.03 35.01 9.53
CA GLY D 41 27.72 35.40 10.02
C GLY D 41 27.36 36.84 9.75
N SER D 42 28.03 37.49 8.79
CA SER D 42 28.00 38.95 8.68
C SER D 42 27.51 39.45 7.33
N CYS D 43 26.70 38.68 6.62
CA CYS D 43 26.07 39.20 5.40
C CYS D 43 24.92 38.28 5.01
N SER D 44 24.51 38.34 3.75
CA SER D 44 23.46 37.48 3.22
C SER D 44 23.96 36.59 2.09
N SER D 45 25.27 36.54 1.86
CA SER D 45 25.81 35.78 0.74
C SER D 45 25.47 34.30 0.85
N CYS D 46 25.37 33.78 2.06
CA CYS D 46 25.21 32.35 2.29
C CYS D 46 23.81 31.97 2.73
N VAL D 47 22.88 32.93 2.75
CA VAL D 47 21.58 32.68 3.35
C VAL D 47 20.79 31.69 2.50
N ALA D 48 20.00 30.86 3.18
CA ALA D 48 19.17 29.85 2.56
C ALA D 48 17.83 29.80 3.27
N LEU D 49 16.78 29.49 2.52
CA LEU D 49 15.47 29.25 3.12
C LEU D 49 15.54 27.97 3.94
N LEU D 50 14.99 28.00 5.15
CA LEU D 50 14.91 26.80 5.98
C LEU D 50 13.53 26.19 5.76
N ILE D 51 13.43 25.33 4.73
CA ILE D 51 12.16 24.66 4.44
C ILE D 51 11.70 23.87 5.67
N SER D 52 12.58 23.05 6.21
CA SER D 52 12.23 22.28 7.40
C SER D 52 13.51 21.85 8.10
N GLY D 53 13.35 21.49 9.35
CA GLY D 53 14.48 21.09 10.18
C GLY D 53 14.85 22.20 11.14
N SER D 54 15.80 21.87 12.01
CA SER D 54 16.19 22.74 13.11
C SER D 54 17.70 22.94 13.11
N VAL D 55 18.13 24.19 13.30
CA VAL D 55 19.53 24.55 13.30
C VAL D 55 19.84 25.42 14.50
N ASP D 56 21.06 25.28 15.02
CA ASP D 56 21.62 26.23 15.97
C ASP D 56 22.45 27.22 15.18
N GLN D 57 21.94 28.45 15.06
CA GLN D 57 22.70 29.50 14.40
C GLN D 57 22.87 30.68 15.36
N ARG D 58 23.30 30.38 16.58
CA ARG D 58 23.65 31.46 17.51
C ARG D 58 24.79 32.31 16.96
N ASP D 59 25.63 31.72 16.10
CA ASP D 59 26.71 32.47 15.46
C ASP D 59 26.20 33.41 14.37
N ALA D 60 24.91 33.41 14.07
CA ALA D 60 24.36 34.12 12.91
C ALA D 60 23.87 35.49 13.37
N SER D 61 24.69 36.51 13.12
CA SER D 61 24.36 37.85 13.58
C SER D 61 23.36 38.53 12.64
N PHE D 62 23.53 38.36 11.33
CA PHE D 62 22.80 39.14 10.34
C PHE D 62 21.28 38.93 10.44
N LEU D 63 20.84 37.79 10.95
CA LEU D 63 19.42 37.46 11.00
C LEU D 63 18.86 37.76 12.38
N ASP D 64 17.80 38.55 12.44
CA ASP D 64 17.10 38.75 13.69
C ASP D 64 16.23 37.53 14.00
N GLU D 65 15.60 37.53 15.18
CA GLU D 65 14.93 36.33 15.66
C GLU D 65 13.76 35.94 14.75
N GLU D 66 13.09 36.93 14.17
CA GLU D 66 11.97 36.63 13.27
C GLU D 66 12.46 35.99 11.98
N GLN D 67 13.55 36.52 11.42
CA GLN D 67 14.10 35.97 10.18
C GLN D 67 14.61 34.55 10.37
N GLN D 68 15.07 34.22 11.59
CA GLN D 68 15.63 32.90 11.85
C GLN D 68 14.58 31.80 11.87
N LYS D 69 13.30 32.16 11.78
CA LYS D 69 12.26 31.15 11.64
C LYS D 69 12.19 30.60 10.22
N TYR D 70 12.64 31.37 9.23
CA TYR D 70 12.53 31.00 7.83
C TYR D 70 13.86 30.91 7.12
N PHE D 71 14.90 31.56 7.61
CA PHE D 71 16.17 31.62 6.94
C PHE D 71 17.27 31.09 7.85
N VAL D 72 18.38 30.70 7.23
CA VAL D 72 19.52 30.19 7.97
C VAL D 72 20.78 30.65 7.23
N LEU D 73 21.80 31.08 7.99
CA LEU D 73 23.11 31.40 7.43
C LEU D 73 23.97 30.14 7.50
N THR D 74 24.28 29.59 6.32
CA THR D 74 24.91 28.28 6.22
C THR D 74 26.32 28.28 6.78
N CYS D 75 27.01 29.41 6.76
CA CYS D 75 28.34 29.49 7.35
C CYS D 75 28.32 29.62 8.86
N ALA D 76 27.16 29.86 9.45
CA ALA D 76 27.06 30.14 10.87
C ALA D 76 26.13 29.19 11.61
N ALA D 77 25.67 28.11 10.96
CA ALA D 77 24.61 27.29 11.53
C ALA D 77 25.02 25.83 11.59
N TYR D 78 24.78 25.20 12.73
CA TYR D 78 24.93 23.77 12.91
C TYR D 78 23.59 23.06 12.78
N PRO D 79 23.52 21.90 12.15
CA PRO D 79 22.25 21.18 12.10
C PRO D 79 21.91 20.58 13.46
N ASN D 80 20.68 20.84 13.91
CA ASN D 80 20.13 20.13 15.04
C ASN D 80 19.34 18.89 14.61
N SER D 81 18.96 18.82 13.33
CA SER D 81 18.17 17.74 12.79
C SER D 81 18.45 17.65 11.30
N ASN D 82 17.81 16.70 10.63
CA ASN D 82 17.80 16.71 9.17
C ASN D 82 17.16 17.99 8.67
N CYS D 83 17.68 18.50 7.55
CA CYS D 83 17.29 19.83 7.09
C CYS D 83 17.07 19.84 5.60
N VAL D 84 16.00 20.49 5.17
CA VAL D 84 15.78 20.86 3.78
C VAL D 84 15.98 22.35 3.66
N ILE D 85 16.84 22.76 2.75
CA ILE D 85 17.15 24.17 2.55
C ILE D 85 17.05 24.49 1.06
N LYS D 86 16.99 25.77 0.78
CA LYS D 86 17.09 26.30 -0.58
C LYS D 86 18.14 27.41 -0.52
N THR D 87 19.35 27.14 -1.01
CA THR D 87 20.40 28.15 -1.00
C THR D 87 20.15 29.20 -2.09
N GLY D 88 20.94 30.27 -2.03
CA GLY D 88 20.95 31.28 -3.07
C GLY D 88 19.82 32.27 -3.03
N VAL D 89 19.03 32.31 -1.96
CA VAL D 89 17.82 33.14 -1.92
C VAL D 89 18.10 34.48 -1.22
N GLU D 90 19.28 35.03 -1.49
CA GLU D 90 19.72 36.23 -0.79
C GLU D 90 18.70 37.36 -0.94
N GLU D 91 18.14 37.53 -2.14
CA GLU D 91 17.12 38.56 -2.36
C GLU D 91 15.83 38.27 -1.59
N MET D 92 15.39 37.01 -1.56
CA MET D 92 14.19 36.64 -0.81
C MET D 92 14.24 37.21 0.61
N LEU D 93 15.38 37.05 1.28
CA LEU D 93 15.55 37.62 2.61
C LEU D 93 15.56 39.14 2.55
N LEU D 94 16.29 39.70 1.58
CA LEU D 94 16.46 41.14 1.48
C LEU D 94 15.14 41.86 1.26
N GLY D 95 14.12 41.16 0.75
CA GLY D 95 12.77 41.69 0.68
C GLY D 95 11.79 41.05 1.62
N TYR D 96 12.22 40.16 2.52
CA TYR D 96 11.29 39.41 3.35
C TYR D 96 10.42 40.35 4.18
N ASP D 97 9.17 39.94 4.37
CA ASP D 97 8.35 40.55 5.42
C ASP D 97 7.50 39.56 6.19
N SER D 98 7.06 38.46 5.58
CA SER D 98 6.17 37.49 6.23
C SER D 98 6.13 36.24 5.37
N TYR D 99 5.50 35.18 5.92
CA TYR D 99 5.24 33.98 5.11
C TYR D 99 4.41 34.33 3.89
N ARG D 100 3.38 35.16 4.06
CA ARG D 100 2.53 35.59 2.96
C ARG D 100 3.34 36.09 1.78
N ASP D 101 4.45 36.75 2.03
CA ASP D 101 5.21 37.39 0.96
C ASP D 101 6.25 36.48 0.32
N MET D 102 6.47 35.29 0.86
CA MET D 102 7.32 34.29 0.21
C MET D 102 6.53 33.10 -0.33
N SER D 103 5.19 33.12 -0.18
CA SER D 103 4.37 31.96 -0.51
C SER D 103 4.30 31.72 -2.03
N GLU D 104 4.22 32.76 -2.84
CA GLU D 104 4.24 32.54 -4.29
C GLU D 104 5.57 31.92 -4.71
N TYR D 105 6.67 32.39 -4.12
CA TYR D 105 7.98 31.79 -4.40
C TYR D 105 8.01 30.31 -4.00
N LEU D 106 7.53 30.00 -2.78
CA LEU D 106 7.52 28.62 -2.29
C LEU D 106 6.63 27.74 -3.16
N PHE D 107 5.47 28.25 -3.59
CA PHE D 107 4.62 27.51 -4.52
C PHE D 107 5.36 27.17 -5.81
N GLY D 108 6.16 28.12 -6.32
CA GLY D 108 6.94 27.85 -7.53
C GLY D 108 8.06 26.82 -7.37
N LEU D 109 8.40 26.43 -6.13
CA LEU D 109 9.39 25.39 -5.87
C LEU D 109 8.79 23.99 -5.83
N LEU D 110 7.47 23.86 -5.74
CA LEU D 110 6.85 22.54 -5.61
C LEU D 110 7.14 21.65 -6.81
N GLY D 111 7.02 22.19 -8.03
CA GLY D 111 7.29 21.40 -9.22
C GLY D 111 8.70 20.82 -9.21
N GLY D 112 9.69 21.62 -8.83
CA GLY D 112 11.04 21.11 -8.76
C GLY D 112 11.23 20.10 -7.65
N ASN D 113 10.37 20.15 -6.62
CA ASN D 113 10.48 19.25 -5.48
C ASN D 113 9.86 17.88 -5.76
N ASP D 114 8.83 17.82 -6.60
CA ASP D 114 8.22 16.55 -6.97
C ASP D 114 9.24 15.67 -7.70
N SER D 115 8.89 14.40 -7.85
CA SER D 115 9.71 13.50 -8.64
C SER D 115 9.89 14.05 -10.06
N PRO D 116 11.10 13.99 -10.61
CA PRO D 116 11.31 14.54 -11.96
C PRO D 116 10.75 13.67 -13.06
N GLU D 117 10.29 12.44 -12.77
CA GLU D 117 9.76 11.60 -13.84
C GLU D 117 8.36 12.09 -14.25
N LEU D 118 8.15 12.30 -15.54
CA LEU D 118 6.83 12.70 -16.01
C LEU D 118 5.78 11.65 -15.67
N LEU D 119 4.57 12.09 -15.40
CA LEU D 119 3.45 11.15 -15.36
C LEU D 119 3.32 10.39 -16.68
N ASP D 120 2.50 9.34 -16.68
CA ASP D 120 2.45 8.32 -17.73
C ASP D 120 1.24 8.53 -18.63
N GLY D 121 1.29 7.89 -19.80
CA GLY D 121 0.12 7.76 -20.67
C GLY D 121 -0.44 9.11 -21.10
N LEU D 122 -1.76 9.26 -20.98
CA LEU D 122 -2.43 10.49 -21.40
C LEU D 122 -2.20 11.65 -20.45
N PHE D 123 -1.62 11.41 -19.27
CA PHE D 123 -1.23 12.50 -18.40
C PHE D 123 0.08 13.16 -18.83
N THR D 124 0.95 12.43 -19.54
CA THR D 124 2.28 12.98 -19.89
C THR D 124 2.21 14.34 -20.58
N PRO D 125 1.45 14.55 -21.66
CA PRO D 125 1.46 15.89 -22.28
C PRO D 125 0.97 17.02 -21.38
N VAL D 126 -0.01 16.79 -20.50
CA VAL D 126 -0.51 17.89 -19.66
C VAL D 126 0.34 18.06 -18.41
N ASP D 127 0.93 16.97 -17.89
CA ASP D 127 1.95 17.13 -16.85
C ASP D 127 3.07 18.03 -17.34
N ALA D 128 3.49 17.82 -18.59
CA ALA D 128 4.54 18.65 -19.16
C ALA D 128 4.09 20.11 -19.26
N PHE D 129 2.85 20.34 -19.72
CA PHE D 129 2.34 21.70 -19.78
C PHE D 129 2.20 22.31 -18.37
N ARG D 130 1.74 21.54 -17.38
CA ARG D 130 1.65 22.15 -16.05
C ARG D 130 3.02 22.47 -15.49
N HIS D 131 4.01 21.62 -15.77
CA HIS D 131 5.34 21.94 -15.32
C HIS D 131 5.89 23.17 -16.05
N TYR D 132 5.51 23.35 -17.31
CA TYR D 132 5.86 24.57 -18.04
C TYR D 132 5.34 25.79 -17.29
N LEU D 133 4.09 25.73 -16.83
CA LEU D 133 3.45 26.88 -16.17
C LEU D 133 4.05 27.17 -14.79
N PHE D 134 4.28 26.15 -13.96
CA PHE D 134 4.60 26.39 -12.55
C PHE D 134 5.92 25.79 -12.09
N GLY D 135 6.67 25.12 -12.97
CA GLY D 135 7.88 24.43 -12.56
C GLY D 135 9.12 25.29 -12.50
N ASN D 136 9.08 26.48 -13.09
CA ASN D 136 10.19 27.43 -13.03
C ASN D 136 11.52 26.81 -13.47
N GLY D 137 11.46 25.97 -14.51
CA GLY D 137 12.64 25.64 -15.27
C GLY D 137 13.40 24.39 -14.86
N THR D 138 12.89 23.62 -13.89
CA THR D 138 13.60 22.43 -13.41
C THR D 138 13.41 21.27 -14.38
N ASN D 139 14.42 20.41 -14.50
CA ASN D 139 14.35 19.31 -15.46
C ASN D 139 13.26 18.30 -15.10
N LYS D 140 12.66 17.72 -16.12
CA LYS D 140 11.82 16.53 -16.02
C LYS D 140 12.51 15.43 -16.80
N SER D 141 12.04 14.19 -16.66
CA SER D 141 12.65 13.12 -17.44
C SER D 141 11.63 12.06 -17.75
N ILE D 142 11.93 11.30 -18.81
CA ILE D 142 11.19 10.12 -19.17
C ILE D 142 12.15 9.20 -19.90
N ASN D 143 12.13 7.92 -19.56
CA ASN D 143 13.05 6.98 -20.22
C ASN D 143 12.67 6.79 -21.69
N ILE D 144 13.69 6.75 -22.56
CA ILE D 144 13.43 6.61 -23.99
C ILE D 144 12.52 5.45 -24.27
N ASN D 145 12.59 4.39 -23.45
CA ASN D 145 11.75 3.22 -23.63
C ASN D 145 10.29 3.49 -23.28
N ASP D 146 9.99 4.52 -22.51
CA ASP D 146 8.60 4.83 -22.15
C ASP D 146 7.97 5.93 -23.00
N VAL D 147 8.73 6.57 -23.88
CA VAL D 147 8.18 7.67 -24.68
C VAL D 147 7.09 7.17 -25.62
N GLY D 148 7.22 5.95 -26.14
CA GLY D 148 6.33 5.44 -27.15
C GLY D 148 6.84 5.57 -28.58
N LEU D 149 8.16 5.51 -28.79
CA LEU D 149 8.73 5.61 -30.13
C LEU D 149 8.66 4.27 -30.84
N SER D 150 8.28 4.30 -32.13
CA SER D 150 8.27 3.16 -33.04
C SER D 150 9.07 3.56 -34.28
N ILE D 151 10.39 3.39 -34.22
CA ILE D 151 11.27 3.90 -35.28
C ILE D 151 11.70 2.76 -36.19
N ASP D 152 11.49 2.95 -37.50
CA ASP D 152 12.00 2.06 -38.53
C ASP D 152 13.17 2.70 -39.24
N VAL D 153 14.17 1.89 -39.59
CA VAL D 153 15.35 2.39 -40.30
C VAL D 153 14.98 3.20 -41.53
N SER D 154 13.88 2.86 -42.19
CA SER D 154 13.47 3.61 -43.38
C SER D 154 13.16 5.07 -43.05
N GLN D 155 12.92 5.39 -41.78
CA GLN D 155 12.64 6.76 -41.34
C GLN D 155 13.90 7.50 -40.90
N ILE D 156 15.08 6.94 -41.13
CA ILE D 156 16.33 7.55 -40.68
C ILE D 156 17.12 8.00 -41.89
N PRO D 157 17.04 9.29 -42.25
CA PRO D 157 17.62 9.77 -43.50
C PRO D 157 19.12 9.47 -43.61
N PRO D 158 19.92 9.66 -42.56
CA PRO D 158 21.37 9.39 -42.73
C PRO D 158 21.68 7.95 -43.12
N ILE D 159 20.82 6.99 -42.75
CA ILE D 159 21.01 5.61 -43.20
C ILE D 159 20.46 5.41 -44.61
N MET D 160 19.23 5.85 -44.85
CA MET D 160 18.61 5.67 -46.15
C MET D 160 19.33 6.46 -47.26
N ASN D 161 19.94 7.60 -46.93
CA ASN D 161 20.67 8.35 -47.94
C ASN D 161 21.82 7.53 -48.51
N ILE D 162 22.46 6.72 -47.66
CA ILE D 162 23.57 5.89 -48.12
C ILE D 162 23.09 4.79 -49.06
N ILE D 163 22.09 4.02 -48.63
CA ILE D 163 21.51 2.95 -49.44
C ILE D 163 21.03 3.50 -50.79
N ASN D 164 20.33 4.64 -50.77
CA ASN D 164 19.69 5.15 -51.96
C ASN D 164 20.67 5.73 -52.96
N GLN D 165 21.94 5.90 -52.58
CA GLN D 165 22.96 6.37 -53.51
C GLN D 165 23.70 5.22 -54.20
N GLY D 166 23.37 3.97 -53.89
CA GLY D 166 23.97 2.83 -54.55
C GLY D 166 25.28 2.32 -53.97
N PHE D 167 25.69 2.80 -52.80
CA PHE D 167 26.97 2.39 -52.27
C PHE D 167 26.95 0.92 -51.82
N ILE D 168 28.14 0.34 -51.77
CA ILE D 168 28.32 -1.06 -51.37
C ILE D 168 29.44 -1.12 -50.35
N GLY D 169 29.24 -1.87 -49.28
CA GLY D 169 30.26 -2.04 -48.26
C GLY D 169 29.73 -1.99 -46.82
N ARG D 170 30.63 -1.66 -45.89
CA ARG D 170 30.34 -1.67 -44.46
C ARG D 170 30.58 -0.25 -43.93
N PHE D 171 29.52 0.39 -43.45
CA PHE D 171 29.56 1.77 -43.01
C PHE D 171 29.46 1.83 -41.49
N ASP D 172 30.41 2.50 -40.86
CA ASP D 172 30.27 2.82 -39.45
C ASP D 172 29.36 4.03 -39.33
N ILE D 173 28.24 3.88 -38.64
CA ILE D 173 27.23 4.94 -38.57
C ILE D 173 27.31 5.61 -37.21
N SER D 174 27.27 6.95 -37.21
CA SER D 174 27.16 7.74 -35.98
C SER D 174 26.56 9.10 -36.37
N SER D 175 25.23 9.19 -36.33
CA SER D 175 24.59 10.40 -36.85
C SER D 175 23.42 10.83 -36.00
N ASP D 176 23.24 12.15 -35.90
CA ASP D 176 22.01 12.74 -35.41
C ASP D 176 20.97 12.73 -36.53
N PHE D 177 19.70 12.79 -36.12
CA PHE D 177 18.62 12.97 -37.09
C PHE D 177 17.38 13.45 -36.34
N ASN D 178 16.48 14.10 -37.09
CA ASN D 178 15.25 14.63 -36.48
C ASN D 178 14.16 13.57 -36.51
N ARG D 179 13.48 13.43 -35.38
CA ARG D 179 12.34 12.53 -35.25
C ARG D 179 11.12 13.39 -35.01
N ASN D 180 10.21 13.40 -35.98
CA ASN D 180 8.91 14.01 -35.78
C ASN D 180 8.02 12.98 -35.07
N THR D 181 7.76 13.20 -33.78
CA THR D 181 7.08 12.14 -33.03
C THR D 181 5.61 12.01 -33.39
N VAL D 182 5.09 12.85 -34.29
CA VAL D 182 3.82 12.53 -34.92
C VAL D 182 3.87 11.17 -35.59
N LEU D 183 5.05 10.78 -36.11
CA LEU D 183 5.20 9.43 -36.66
C LEU D 183 4.97 8.36 -35.63
N ASP D 184 5.08 8.68 -34.34
CA ASP D 184 5.07 7.65 -33.30
C ASP D 184 3.74 7.53 -32.57
N GLY D 185 3.06 8.64 -32.29
CA GLY D 185 1.78 8.56 -31.61
C GLY D 185 1.39 9.92 -31.07
N ILE D 186 0.11 10.02 -30.70
CA ILE D 186 -0.41 11.32 -30.30
C ILE D 186 0.19 11.78 -28.96
N ILE D 187 0.59 10.87 -28.07
CA ILE D 187 1.12 11.29 -26.77
C ILE D 187 2.45 12.01 -26.96
N PRO D 188 3.48 11.39 -27.57
CA PRO D 188 4.72 12.14 -27.79
C PRO D 188 4.51 13.37 -28.65
N ALA D 189 3.68 13.28 -29.68
CA ALA D 189 3.40 14.42 -30.54
C ALA D 189 2.84 15.60 -29.76
N SER D 190 2.17 15.34 -28.65
CA SER D 190 1.49 16.40 -27.92
C SER D 190 2.36 17.11 -26.89
N TYR D 191 3.63 16.70 -26.71
CA TYR D 191 4.51 17.47 -25.82
C TYR D 191 5.95 17.50 -26.31
N LEU D 192 6.37 16.48 -27.07
CA LEU D 192 7.74 16.47 -27.59
C LEU D 192 7.83 17.05 -28.99
N GLY D 193 6.88 16.74 -29.86
CA GLY D 193 6.94 17.27 -31.21
C GLY D 193 8.16 16.72 -31.92
N ASN D 194 8.97 17.62 -32.48
CA ASN D 194 10.25 17.22 -33.07
C ASN D 194 11.32 17.07 -32.00
N ILE D 195 12.01 15.93 -32.04
CA ILE D 195 13.14 15.69 -31.15
C ILE D 195 14.35 15.28 -31.98
N THR D 196 15.54 15.50 -31.43
CA THR D 196 16.77 15.07 -32.07
C THR D 196 17.23 13.77 -31.44
N LEU D 197 17.46 12.77 -32.27
CA LEU D 197 17.97 11.47 -31.84
C LEU D 197 19.38 11.31 -32.36
N LYS D 198 20.07 10.30 -31.83
CA LYS D 198 21.37 9.87 -32.34
C LYS D 198 21.35 8.37 -32.53
N THR D 199 21.87 7.90 -33.66
CA THR D 199 22.07 6.47 -33.83
C THR D 199 23.53 6.13 -34.13
N GLU D 200 23.99 5.06 -33.50
CA GLU D 200 25.30 4.47 -33.77
C GLU D 200 25.11 2.99 -34.06
N GLY D 201 25.85 2.49 -35.05
CA GLY D 201 25.72 1.10 -35.43
C GLY D 201 26.45 0.85 -36.74
N VAL D 202 26.11 -0.27 -37.37
CA VAL D 202 26.78 -0.73 -38.58
C VAL D 202 25.74 -0.96 -39.68
N LEU D 203 25.96 -0.31 -40.83
CA LEU D 203 25.20 -0.56 -42.06
C LEU D 203 26.07 -1.39 -43.00
N SER D 204 25.60 -2.59 -43.37
CA SER D 204 26.27 -3.43 -44.35
C SER D 204 25.41 -3.55 -45.58
N ILE D 205 26.00 -3.26 -46.74
CA ILE D 205 25.31 -3.36 -48.02
C ILE D 205 26.16 -4.27 -48.89
N SER D 206 25.62 -5.42 -49.26
CA SER D 206 26.31 -6.41 -50.07
C SER D 206 26.34 -6.01 -51.55
N PRO D 207 27.21 -6.64 -52.36
CA PRO D 207 27.23 -6.35 -53.80
C PRO D 207 25.87 -6.45 -54.49
N ASP D 208 25.02 -7.42 -54.12
CA ASP D 208 23.70 -7.56 -54.72
C ASP D 208 22.65 -6.63 -54.11
N GLY D 209 23.05 -5.67 -53.26
CA GLY D 209 22.09 -4.74 -52.69
C GLY D 209 21.31 -5.23 -51.49
N ALA D 210 21.60 -6.40 -50.94
CA ALA D 210 21.04 -6.79 -49.65
C ALA D 210 21.72 -5.97 -48.55
N TRP D 211 20.91 -5.35 -47.69
CA TRP D 211 21.47 -4.49 -46.66
C TRP D 211 20.83 -4.78 -45.30
N SER D 212 21.59 -4.46 -44.24
CA SER D 212 21.06 -4.54 -42.90
C SER D 212 21.72 -3.48 -42.05
N TYR D 213 20.98 -3.01 -41.05
CA TYR D 213 21.44 -2.03 -40.10
C TYR D 213 21.18 -2.57 -38.71
N ASN D 214 22.18 -2.43 -37.84
CA ASN D 214 22.13 -2.91 -36.47
C ASN D 214 22.84 -1.89 -35.61
N GLY D 215 22.12 -1.30 -34.67
CA GLY D 215 22.73 -0.35 -33.78
C GLY D 215 21.78 0.06 -32.68
N GLY D 216 22.03 1.25 -32.14
CA GLY D 216 21.24 1.77 -31.04
C GLY D 216 20.85 3.22 -31.31
N ILE D 217 19.89 3.69 -30.53
CA ILE D 217 19.35 5.03 -30.65
C ILE D 217 19.25 5.63 -29.26
N ARG D 218 19.83 6.82 -29.08
CA ARG D 218 19.73 7.60 -27.86
C ARG D 218 19.15 8.96 -28.20
N ALA D 219 18.66 9.67 -27.18
CA ALA D 219 17.92 10.92 -27.37
C ALA D 219 18.62 12.06 -26.63
N TYR D 220 18.81 13.19 -27.32
CA TYR D 220 19.29 14.37 -26.61
C TYR D 220 18.21 14.90 -25.68
N ASN D 221 18.62 15.65 -24.65
CA ASN D 221 17.62 16.34 -23.86
C ASN D 221 16.79 17.21 -24.79
N ASP D 222 15.49 17.25 -24.56
CA ASP D 222 14.60 18.02 -25.40
C ASP D 222 14.13 19.25 -24.63
N LEU D 223 14.30 20.42 -25.23
CA LEU D 223 13.87 21.64 -24.55
C LEU D 223 12.38 21.85 -24.80
N TYR D 224 11.60 21.89 -23.73
CA TYR D 224 10.17 22.17 -23.79
C TYR D 224 10.00 23.69 -23.83
N ASP D 225 9.71 24.25 -25.01
CA ASP D 225 9.60 25.69 -25.12
C ASP D 225 8.69 26.14 -26.25
N ALA D 226 7.62 25.37 -26.52
CA ALA D 226 6.75 25.71 -27.64
C ALA D 226 6.12 27.08 -27.45
N ASN D 227 5.87 27.77 -28.56
CA ASN D 227 5.10 29.02 -28.51
C ASN D 227 3.60 28.72 -28.41
N PRO D 228 2.77 29.72 -28.12
CA PRO D 228 1.34 29.44 -27.91
C PRO D 228 0.66 28.83 -29.14
N SER D 229 1.04 29.25 -30.34
CA SER D 229 0.49 28.62 -31.54
C SER D 229 0.68 27.12 -31.51
N THR D 230 1.86 26.67 -31.11
CA THR D 230 2.10 25.24 -31.05
C THR D 230 1.31 24.61 -29.92
N HIS D 231 1.24 25.27 -28.74
CA HIS D 231 0.43 24.72 -27.66
C HIS D 231 -1.02 24.55 -28.11
N ARG D 232 -1.54 25.54 -28.85
CA ARG D 232 -2.91 25.48 -29.34
C ARG D 232 -3.11 24.34 -30.32
N ASP D 233 -2.13 24.10 -31.22
CA ASP D 233 -2.17 22.93 -32.10
C ASP D 233 -2.22 21.63 -31.31
N ARG D 234 -1.45 21.57 -30.21
CA ARG D 234 -1.23 20.32 -29.48
C ARG D 234 -2.30 20.08 -28.42
N LEU D 235 -2.72 21.12 -27.71
CA LEU D 235 -3.62 20.97 -26.56
C LEU D 235 -4.99 21.56 -26.81
N GLY D 236 -5.11 22.53 -27.69
CA GLY D 236 -6.37 23.16 -28.00
C GLY D 236 -6.39 24.60 -27.54
N GLU D 237 -7.54 25.23 -27.80
CA GLU D 237 -7.72 26.66 -27.57
C GLU D 237 -7.64 27.04 -26.11
N TRP D 238 -8.06 26.14 -25.20
CA TRP D 238 -8.01 26.48 -23.79
C TRP D 238 -6.58 26.84 -23.34
N SER D 239 -5.57 26.21 -23.94
CA SER D 239 -4.19 26.54 -23.57
C SER D 239 -3.84 27.98 -23.91
N THR D 240 -4.42 28.52 -24.98
CA THR D 240 -4.21 29.93 -25.29
C THR D 240 -4.88 30.84 -24.25
N GLY D 241 -6.08 30.48 -23.80
CA GLY D 241 -6.68 31.21 -22.70
C GLY D 241 -5.82 31.18 -21.43
N VAL D 242 -5.19 30.03 -21.18
CA VAL D 242 -4.30 29.93 -20.04
C VAL D 242 -3.07 30.79 -20.26
N LEU D 243 -2.44 30.64 -21.44
CA LEU D 243 -1.20 31.37 -21.71
C LEU D 243 -1.41 32.87 -21.84
N ASP D 244 -2.65 33.32 -22.08
CA ASP D 244 -2.91 34.76 -22.11
C ASP D 244 -2.75 35.42 -20.74
N LYS D 245 -2.89 34.65 -19.65
CA LYS D 245 -2.73 35.19 -18.32
C LYS D 245 -1.51 34.66 -17.57
N PHE D 246 -0.93 33.52 -17.98
CA PHE D 246 0.20 32.91 -17.27
C PHE D 246 1.31 32.50 -18.23
N ASN D 247 2.54 32.94 -17.94
CA ASN D 247 3.73 32.62 -18.74
C ASN D 247 4.37 31.32 -18.30
N GLY D 248 4.87 30.54 -19.30
CA GLY D 248 5.65 29.36 -19.02
C GLY D 248 7.13 29.67 -18.87
N THR D 249 7.85 28.74 -18.24
CA THR D 249 9.31 28.79 -18.17
C THR D 249 9.85 27.57 -18.88
N PRO D 250 10.73 27.71 -19.89
CA PRO D 250 11.27 26.53 -20.56
C PRO D 250 12.06 25.67 -19.58
N TYR D 251 12.07 24.37 -19.87
CA TYR D 251 12.83 23.41 -19.07
C TYR D 251 13.23 22.27 -19.99
N GLU D 252 14.23 21.50 -19.57
CA GLU D 252 14.67 20.37 -20.38
C GLU D 252 14.00 19.09 -19.92
N ILE D 253 13.56 18.30 -20.89
CA ILE D 253 13.11 16.94 -20.66
C ILE D 253 14.27 16.02 -21.02
N GLN D 254 14.81 15.33 -20.02
CA GLN D 254 15.86 14.36 -20.27
C GLN D 254 15.20 13.04 -20.68
N ILE D 255 15.83 12.37 -21.66
CA ILE D 255 15.27 11.16 -22.24
C ILE D 255 16.36 10.08 -22.22
N PRO D 256 16.70 9.54 -21.05
CA PRO D 256 17.84 8.63 -20.94
C PRO D 256 17.53 7.23 -21.46
N GLY D 257 18.59 6.44 -21.62
CA GLY D 257 18.49 5.06 -22.06
C GLY D 257 18.86 4.90 -23.53
N THR D 258 18.84 3.64 -23.99
CA THR D 258 19.14 3.30 -25.38
C THR D 258 18.01 2.44 -25.94
N LEU D 259 17.60 2.71 -27.18
CA LEU D 259 16.72 1.81 -27.91
C LEU D 259 17.55 0.97 -28.87
N ASP D 260 17.25 -0.32 -28.94
CA ASP D 260 17.81 -1.17 -29.98
C ASP D 260 17.09 -0.91 -31.30
N ILE D 261 17.86 -0.81 -32.39
CA ILE D 261 17.30 -0.65 -33.72
C ILE D 261 17.94 -1.66 -34.67
N SER D 262 17.14 -2.22 -35.55
CA SER D 262 17.64 -3.08 -36.61
C SER D 262 16.71 -2.93 -37.79
N GLY D 263 17.26 -3.18 -38.98
CA GLY D 263 16.50 -3.09 -40.21
C GLY D 263 17.19 -3.91 -41.29
N ARG D 264 16.41 -4.28 -42.29
CA ARG D 264 16.85 -5.15 -43.36
C ARG D 264 16.13 -4.72 -44.63
N GLY D 265 16.82 -4.81 -45.76
CA GLY D 265 16.15 -4.52 -47.01
C GLY D 265 16.93 -5.07 -48.19
N GLN D 266 16.39 -4.85 -49.37
CA GLN D 266 16.97 -5.33 -50.62
C GLN D 266 16.82 -4.23 -51.67
N ARG D 267 17.95 -3.63 -52.04
CA ARG D 267 17.98 -2.64 -53.11
C ARG D 267 18.08 -3.32 -54.47
N LEU D 268 17.34 -2.79 -55.44
CA LEU D 268 17.24 -3.38 -56.78
C LEU D 268 17.33 -2.27 -57.81
#